data_4YCN
#
_entry.id   4YCN
#
_cell.length_a   71.540
_cell.length_b   71.540
_cell.length_c   587.669
_cell.angle_alpha   90.00
_cell.angle_beta   90.00
_cell.angle_gamma   90.00
#
_symmetry.space_group_name_H-M   'P 41 21 2'
#
loop_
_entity.id
_entity.type
_entity.pdbx_description
1 polymer 'Sarcoplasmic/endoplasmic reticulum calcium ATPase 1'
2 non-polymer 'SODIUM ION'
3 non-polymer 'SULFATE ION'
4 non-polymer (4S,5E,8S,9E,11S,13E,15E,18R)-4-hydroxy-8-methoxy-9,11-dimethyl-18-[(1Z,4E)-2-methylhexa-1,4-dien-1-yl]oxacyclooctadeca-5,9,13,15-tetraen-2-one
5 non-polymer PHOSPHATIDYLETHANOLAMINE
#
_entity_poly.entity_id   1
_entity_poly.type   'polypeptide(L)'
_entity_poly.pdbx_seq_one_letter_code
;(AME)EAAHSKSTEECLAYFGVSETTGLTPDQVKRHLEKYGHNELPAEEGKSLWELVIEQFEDLLVRILLLAACISFVLA
WFEEGEETITAFVEPFVILLILIANAIVGVWQERNAENAIEALKEYEPEMGKVYRADRKSVQRIKARDIVPGDIVEVAVG
DKVPADIRILSIKSTTLRVDQSILTGESVSVIKHTEPVPDPRAVNQDKKNMLFSGTNIAAGKALGIVATTGVSTEIGKIR
DQMAATEQDKTPLQQKLDEFGEQLSKVISLICVAVWLINIGHFNDPVHGGSWIRGAIYYFKIAVALAVAAIPEGLPAVIT
TCLALGTRRMAKKNAIVRSLPSVETLGCTSVICSDKTGTLTTNQMSVCKMFIIDKVDGDFCSLNEFSITGSTYAPEGEVL
KNDKPIRSGQFDGLVELATICALCNDSSLDFNETKGVYEKVGEATETALTTLVEKMNVFNTEVRNLSKVERANACNSVIR
QLMKKEFTLEFSRDRKSMSVYCSPAKSSRAAVGNKMFVKGAPEGVIDRCNYVRVGTTRVPMTGPVKEKILSVIKEWGTGR
DTLRCLALATRDTPPKREEMVLDDSSRFMEYETDLTFVGVVGMLDPPRKEVMGSIQLCRDAGIRVIMITGDNKGTAIAIC
RRIGIFGENEEVADRAYTGREFDDLPLAEQREACRRACCFARVEPSHKSKIVEYLQSYDEITAMTGDGVNDAPALKKAEI
GIAMGSGTAVAKTASEMVLADDNFSTIVAAVEEGRAIYNNMKQFIRYLISSNVGEVVCIFLTAALGLPEALIPVQLLWVN
LVTDGLPATALGFNPPDLDIMDRPPRSPKEPLISGWLFFRYMAIGGYVGAATVGAAAWWFMYAEDGPGVTYHQLTHFMQC
TEDHPHFEGLDCEIFEAPEPMTMALSVLVTIEMCNALNSLSENQSLMRMPPWVNIWLLGSICLSMSLHFLILYVDPLPMI
FKLKALDLTQWLMVLKISLPVIGLDEILKFIARNYLEG
;
_entity_poly.pdbx_strand_id   A
#
loop_
_chem_comp.id
_chem_comp.type
_chem_comp.name
_chem_comp.formula
7BL non-polymer (4S,5E,8S,9E,11S,13E,15E,18R)-4-hydroxy-8-methoxy-9,11-dimethyl-18-[(1Z,4E)-2-methylhexa-1,4-dien-1-yl]oxacyclooctadeca-5,9,13,15-tetraen-2-one 'C27 H40 O4'
NA non-polymer 'SODIUM ION' 'Na 1'
PTY non-polymer PHOSPHATIDYLETHANOLAMINE 'C40 H80 N O8 P'
SO4 non-polymer 'SULFATE ION' 'O4 S -2'
#
# COMPACT_ATOMS: atom_id res chain seq x y z
CT2 AME A 1 -14.45 30.90 12.38
CT1 AME A 1 -12.96 31.04 12.60
OT AME A 1 -12.46 30.84 13.71
CB AME A 1 -12.59 32.81 9.69
CG AME A 1 -13.46 33.98 10.12
SD AME A 1 -13.30 35.47 9.11
CE AME A 1 -14.46 35.05 7.82
C AME A 1 -12.79 30.36 9.28
O AME A 1 -11.69 30.28 8.73
N AME A 1 -12.31 31.28 11.57
CA AME A 1 -13.04 31.48 10.29
N GLU A 2 -13.79 29.53 9.06
CA GLU A 2 -13.67 28.40 8.16
C GLU A 2 -14.04 28.78 6.73
N ALA A 3 -15.05 29.62 6.57
CA ALA A 3 -15.49 30.02 5.24
C ALA A 3 -14.99 31.41 4.87
N ALA A 4 -13.70 31.65 5.10
CA ALA A 4 -13.10 32.94 4.82
C ALA A 4 -12.94 33.17 3.33
N HIS A 5 -12.94 32.08 2.55
CA HIS A 5 -12.77 32.16 1.11
C HIS A 5 -14.00 32.78 0.45
N SER A 6 -15.16 32.57 1.05
CA SER A 6 -16.41 33.08 0.50
C SER A 6 -16.79 34.42 1.13
N LYS A 7 -15.83 35.04 1.81
CA LYS A 7 -16.04 36.34 2.43
C LYS A 7 -15.12 37.38 1.81
N SER A 8 -15.58 38.63 1.74
CA SER A 8 -14.76 39.70 1.19
C SER A 8 -13.64 40.06 2.16
N THR A 9 -12.62 40.75 1.64
CA THR A 9 -11.48 41.14 2.46
C THR A 9 -11.90 42.10 3.57
N GLU A 10 -12.96 42.87 3.31
CA GLU A 10 -13.49 43.79 4.30
C GLU A 10 -14.23 43.04 5.41
N GLU A 11 -14.86 41.93 5.05
CA GLU A 11 -15.63 41.14 6.01
C GLU A 11 -14.73 40.36 6.97
N CYS A 12 -13.65 39.80 6.44
CA CYS A 12 -12.72 39.02 7.26
C CYS A 12 -12.03 39.90 8.30
N LEU A 13 -11.76 41.15 7.93
CA LEU A 13 -11.15 42.10 8.85
C LEU A 13 -12.17 42.60 9.86
N ALA A 14 -13.42 42.68 9.44
CA ALA A 14 -14.50 43.14 10.31
C ALA A 14 -14.86 42.09 11.36
N TYR A 15 -14.77 40.83 10.97
CA TYR A 15 -15.06 39.73 11.88
C TYR A 15 -14.06 39.69 13.03
N PHE A 16 -12.78 39.54 12.69
CA PHE A 16 -11.72 39.52 13.70
C PHE A 16 -11.53 40.90 14.32
N GLY A 17 -11.95 41.93 13.60
CA GLY A 17 -11.75 43.30 14.04
C GLY A 17 -10.28 43.68 14.00
N VAL A 18 -9.71 43.65 12.80
CA VAL A 18 -8.28 43.92 12.63
C VAL A 18 -8.03 45.08 11.67
N SER A 19 -6.94 45.80 11.89
CA SER A 19 -6.53 46.86 10.99
C SER A 19 -5.48 46.33 10.01
N GLU A 20 -5.74 46.51 8.71
CA GLU A 20 -4.84 45.99 7.69
C GLU A 20 -3.49 46.72 7.70
N THR A 21 -3.45 47.87 8.36
CA THR A 21 -2.23 48.67 8.42
C THR A 21 -1.32 48.25 9.59
N THR A 22 -1.88 48.28 10.80
CA THR A 22 -1.09 48.00 12.00
C THR A 22 -1.19 46.53 12.43
N GLY A 23 -2.33 45.90 12.13
CA GLY A 23 -2.54 44.51 12.48
C GLY A 23 -3.12 44.36 13.88
N LEU A 24 -2.88 43.19 14.47
CA LEU A 24 -3.40 42.89 15.80
C LEU A 24 -2.58 43.54 16.91
N THR A 25 -3.24 43.88 17.99
CA THR A 25 -2.59 44.42 19.18
C THR A 25 -2.19 43.29 20.12
N PRO A 26 -1.09 43.48 20.87
CA PRO A 26 -0.59 42.46 21.79
C PRO A 26 -1.66 41.98 22.79
N ASP A 27 -2.68 42.81 23.01
CA ASP A 27 -3.79 42.42 23.87
C ASP A 27 -4.68 41.42 23.14
N GLN A 28 -4.86 41.64 21.84
CA GLN A 28 -5.61 40.72 21.01
C GLN A 28 -4.85 39.42 20.79
N VAL A 29 -3.53 39.51 20.76
CA VAL A 29 -2.67 38.35 20.57
C VAL A 29 -2.87 37.33 21.68
N LYS A 30 -2.95 37.80 22.91
CA LYS A 30 -3.17 36.93 24.05
C LYS A 30 -4.60 36.38 24.07
N ARG A 31 -5.55 37.22 23.67
CA ARG A 31 -6.95 36.83 23.68
C ARG A 31 -7.27 35.82 22.59
N HIS A 32 -6.71 36.02 21.40
CA HIS A 32 -6.92 35.08 20.29
C HIS A 32 -6.17 33.78 20.54
N LEU A 33 -4.99 33.89 21.14
CA LEU A 33 -4.15 32.73 21.39
C LEU A 33 -4.75 31.83 22.46
N GLU A 34 -5.42 32.43 23.43
CA GLU A 34 -6.06 31.68 24.51
C GLU A 34 -7.37 31.05 24.04
N LYS A 35 -7.96 31.63 23.00
CA LYS A 35 -9.24 31.15 22.49
C LYS A 35 -9.07 30.10 21.40
N TYR A 36 -8.13 30.35 20.49
CA TYR A 36 -7.91 29.46 19.35
C TYR A 36 -6.77 28.47 19.60
N GLY A 37 -5.72 28.95 20.26
CA GLY A 37 -4.58 28.11 20.56
C GLY A 37 -3.40 28.35 19.64
N HIS A 38 -2.30 27.68 19.89
CA HIS A 38 -1.08 27.84 19.10
C HIS A 38 -1.23 27.21 17.72
N ASN A 39 -0.63 27.85 16.72
CA ASN A 39 -0.67 27.36 15.35
C ASN A 39 0.33 26.22 15.13
N GLU A 40 -0.03 25.02 15.59
CA GLU A 40 0.83 23.86 15.44
C GLU A 40 0.04 22.56 15.61
N LEU A 41 0.39 21.55 14.81
CA LEU A 41 -0.24 20.24 14.93
C LEU A 41 0.19 19.55 16.22
N PRO A 42 -0.78 18.94 16.92
CA PRO A 42 -0.52 18.26 18.20
C PRO A 42 0.51 17.15 18.09
N ALA A 43 1.58 17.25 18.87
CA ALA A 43 2.60 16.21 18.90
C ALA A 43 1.98 14.89 19.38
N GLU A 44 2.32 13.81 18.70
CA GLU A 44 1.74 12.51 19.00
C GLU A 44 2.08 12.06 20.43
N GLU A 45 1.13 12.22 21.33
CA GLU A 45 1.32 11.79 22.72
C GLU A 45 0.64 10.45 22.97
N GLY A 46 0.91 9.86 24.13
CA GLY A 46 0.42 8.52 24.43
C GLY A 46 1.15 7.49 23.60
N LYS A 47 2.45 7.72 23.43
CA LYS A 47 3.29 6.85 22.60
C LYS A 47 3.56 5.51 23.26
N SER A 48 4.46 4.74 22.66
CA SER A 48 4.85 3.45 23.20
C SER A 48 6.04 3.59 24.14
N LEU A 49 6.09 2.74 25.16
CA LEU A 49 7.18 2.76 26.12
C LEU A 49 7.30 1.34 26.66
N TRP A 50 7.70 1.24 27.92
CA TRP A 50 7.83 -0.06 28.58
C TRP A 50 6.47 -0.76 28.52
N GLU A 51 5.42 0.02 28.36
CA GLU A 51 4.07 -0.50 28.24
C GLU A 51 3.90 -1.34 26.98
N LEU A 52 4.68 -1.03 25.95
CA LEU A 52 4.59 -1.76 24.69
C LEU A 52 5.10 -3.19 24.88
N VAL A 53 5.97 -3.37 25.86
CA VAL A 53 6.46 -4.71 26.20
C VAL A 53 5.37 -5.48 26.94
N ILE A 54 4.57 -4.75 27.72
CA ILE A 54 3.48 -5.35 28.47
C ILE A 54 2.39 -5.88 27.52
N GLU A 55 2.21 -5.19 26.40
CA GLU A 55 1.19 -5.58 25.42
C GLU A 55 1.49 -6.95 24.82
N GLN A 56 2.77 -7.32 24.77
CA GLN A 56 3.18 -8.61 24.26
C GLN A 56 2.85 -9.72 25.25
N PHE A 57 2.74 -9.35 26.52
CA PHE A 57 2.39 -10.29 27.58
C PHE A 57 0.94 -10.09 28.01
N GLU A 58 0.05 -9.94 27.03
CA GLU A 58 -1.37 -9.77 27.32
C GLU A 58 -2.19 -10.99 26.94
N ASP A 59 -1.79 -11.65 25.85
CA ASP A 59 -2.49 -12.84 25.37
C ASP A 59 -2.51 -13.94 26.42
N LEU A 60 -3.45 -14.87 26.27
CA LEU A 60 -3.62 -15.94 27.25
C LEU A 60 -2.49 -16.97 27.13
N LEU A 61 -2.12 -17.32 25.90
CA LEU A 61 -1.10 -18.33 25.67
C LEU A 61 0.28 -17.87 26.14
N VAL A 62 0.59 -16.60 25.93
CA VAL A 62 1.88 -16.07 26.34
C VAL A 62 1.99 -16.04 27.86
N ARG A 63 0.84 -15.93 28.53
CA ARG A 63 0.78 -15.98 29.98
C ARG A 63 0.97 -17.41 30.47
N ILE A 64 0.52 -18.38 29.66
CA ILE A 64 0.69 -19.79 29.97
C ILE A 64 2.18 -20.15 29.95
N LEU A 65 2.86 -19.72 28.91
CA LEU A 65 4.29 -19.98 28.76
C LEU A 65 5.08 -19.21 29.81
N LEU A 66 4.59 -18.01 30.13
CA LEU A 66 5.20 -17.20 31.19
C LEU A 66 5.07 -17.90 32.54
N LEU A 67 3.91 -18.50 32.78
CA LEU A 67 3.66 -19.23 34.01
C LEU A 67 4.55 -20.48 34.06
N ALA A 68 4.79 -21.07 32.90
CA ALA A 68 5.66 -22.23 32.80
C ALA A 68 7.10 -21.84 33.16
N ALA A 69 7.42 -20.57 32.96
CA ALA A 69 8.74 -20.05 33.30
C ALA A 69 8.87 -19.90 34.81
N CYS A 70 7.78 -19.49 35.47
CA CYS A 70 7.77 -19.32 36.90
C CYS A 70 7.71 -20.66 37.62
N ILE A 71 6.88 -21.56 37.11
CA ILE A 71 6.75 -22.90 37.68
C ILE A 71 8.06 -23.66 37.54
N SER A 72 8.73 -23.48 36.41
CA SER A 72 10.01 -24.13 36.15
C SER A 72 11.08 -23.63 37.12
N PHE A 73 11.02 -22.34 37.45
CA PHE A 73 12.01 -21.74 38.34
C PHE A 73 11.79 -22.21 39.77
N VAL A 74 10.54 -22.47 40.13
CA VAL A 74 10.21 -22.94 41.47
C VAL A 74 10.71 -24.36 41.69
N LEU A 75 10.59 -25.20 40.66
CA LEU A 75 11.04 -26.58 40.73
C LEU A 75 12.55 -26.71 40.58
N ALA A 76 13.19 -25.62 40.18
CA ALA A 76 14.63 -25.63 39.93
C ALA A 76 15.43 -25.63 41.23
N TRP A 77 15.21 -24.62 42.06
CA TRP A 77 15.96 -24.46 43.31
C TRP A 77 15.62 -25.55 44.31
N PHE A 78 14.33 -25.83 44.47
CA PHE A 78 13.89 -26.87 45.39
C PHE A 78 14.11 -28.26 44.82
N GLU A 79 15.31 -28.80 45.01
CA GLU A 79 15.65 -30.12 44.50
C GLU A 79 16.84 -30.72 45.24
N GLU A 80 16.94 -32.05 45.23
CA GLU A 80 17.98 -32.76 45.95
C GLU A 80 19.32 -32.75 45.20
N GLY A 81 19.26 -33.01 43.90
CA GLY A 81 20.45 -33.11 43.08
C GLY A 81 21.33 -31.87 43.12
N GLU A 82 22.61 -32.03 42.82
CA GLU A 82 23.55 -30.92 42.86
C GLU A 82 24.02 -30.53 41.46
N GLU A 83 23.17 -30.74 40.48
CA GLU A 83 23.47 -30.32 39.11
C GLU A 83 23.73 -28.82 39.06
N THR A 84 24.99 -28.46 38.88
CA THR A 84 25.42 -27.05 38.98
C THR A 84 25.03 -26.21 37.77
N ILE A 85 25.75 -26.39 36.67
CA ILE A 85 25.56 -25.53 35.50
C ILE A 85 24.34 -25.93 34.68
N THR A 86 23.89 -27.17 34.84
CA THR A 86 22.75 -27.68 34.09
C THR A 86 21.52 -27.85 34.97
N ALA A 87 21.07 -26.76 35.57
CA ALA A 87 19.91 -26.79 36.44
C ALA A 87 18.91 -25.69 36.09
N PHE A 88 19.41 -24.47 35.95
CA PHE A 88 18.56 -23.32 35.65
C PHE A 88 18.40 -23.11 34.15
N VAL A 89 18.58 -24.18 33.38
CA VAL A 89 18.48 -24.10 31.92
C VAL A 89 17.02 -24.05 31.48
N GLU A 90 16.16 -24.76 32.21
CA GLU A 90 14.74 -24.80 31.89
C GLU A 90 14.11 -23.42 32.01
N PRO A 91 14.33 -22.73 33.13
CA PRO A 91 13.81 -21.37 33.28
C PRO A 91 14.53 -20.37 32.37
N PHE A 92 15.79 -20.66 32.06
CA PHE A 92 16.61 -19.76 31.24
C PHE A 92 16.15 -19.72 29.78
N VAL A 93 16.06 -20.89 29.16
CA VAL A 93 15.70 -20.99 27.75
C VAL A 93 14.28 -20.48 27.51
N ILE A 94 13.42 -20.60 28.52
CA ILE A 94 12.07 -20.08 28.44
C ILE A 94 12.07 -18.57 28.31
N LEU A 95 12.86 -17.91 29.16
CA LEU A 95 12.99 -16.46 29.12
C LEU A 95 13.65 -16.00 27.81
N LEU A 96 14.57 -16.81 27.30
CA LEU A 96 15.26 -16.50 26.05
C LEU A 96 14.24 -16.35 24.92
N ILE A 97 13.24 -17.23 24.91
CA ILE A 97 12.20 -17.18 23.89
C ILE A 97 11.17 -16.09 24.19
N LEU A 98 10.74 -16.03 25.43
CA LEU A 98 9.76 -15.02 25.85
C LEU A 98 10.32 -13.62 25.65
N ILE A 99 11.64 -13.49 25.75
CA ILE A 99 12.30 -12.22 25.48
C ILE A 99 12.38 -11.97 23.98
N ALA A 100 12.92 -12.97 23.26
CA ALA A 100 13.09 -12.87 21.81
C ALA A 100 11.75 -12.68 21.09
N ASN A 101 10.75 -13.48 21.46
CA ASN A 101 9.42 -13.37 20.86
C ASN A 101 8.77 -12.02 21.14
N ALA A 102 8.99 -11.50 22.34
CA ALA A 102 8.42 -10.21 22.72
C ALA A 102 9.10 -9.08 21.98
N ILE A 103 10.38 -9.25 21.69
CA ILE A 103 11.15 -8.26 20.96
C ILE A 103 10.67 -8.16 19.50
N VAL A 104 10.20 -9.28 18.97
CA VAL A 104 9.69 -9.31 17.61
C VAL A 104 8.37 -8.55 17.50
N GLY A 105 7.55 -8.66 18.53
CA GLY A 105 6.25 -8.02 18.55
C GLY A 105 6.34 -6.54 18.84
N VAL A 106 7.34 -6.17 19.65
CA VAL A 106 7.56 -4.78 20.00
C VAL A 106 8.26 -4.06 18.85
N TRP A 107 8.71 -4.84 17.87
CA TRP A 107 9.47 -4.30 16.74
C TRP A 107 8.60 -3.43 15.85
N GLN A 108 8.50 -2.15 16.19
CA GLN A 108 7.77 -1.19 15.38
C GLN A 108 8.53 0.14 15.32
N GLU A 109 9.84 0.05 15.23
CA GLU A 109 10.70 1.23 15.18
C GLU A 109 11.38 1.36 13.82
N ARG A 110 11.80 0.23 13.26
CA ARG A 110 12.61 0.23 12.05
C ARG A 110 11.81 -0.16 10.80
N ASN A 111 10.60 -0.67 11.01
CA ASN A 111 9.80 -1.17 9.90
C ASN A 111 8.47 -0.43 9.71
N ALA A 112 8.34 0.74 10.33
CA ALA A 112 7.12 1.53 10.19
C ALA A 112 7.27 2.94 10.78
N GLU A 113 7.49 3.91 9.90
CA GLU A 113 7.61 5.30 10.32
C GLU A 113 6.23 5.94 10.51
N ASN A 114 6.16 6.93 11.40
CA ASN A 114 4.90 7.62 11.66
C ASN A 114 4.59 8.60 10.54
N ALA A 115 3.33 8.65 10.12
CA ALA A 115 2.92 9.48 9.01
C ALA A 115 2.59 10.90 9.44
N ILE A 116 2.00 11.04 10.62
CA ILE A 116 1.62 12.35 11.15
C ILE A 116 2.86 13.17 11.48
N GLU A 117 3.90 12.51 11.94
CA GLU A 117 5.16 13.18 12.26
C GLU A 117 5.84 13.65 10.98
N ALA A 118 5.66 12.92 9.90
CA ALA A 118 6.18 13.32 8.60
C ALA A 118 5.36 14.47 8.05
N LEU A 119 4.11 14.57 8.50
CA LEU A 119 3.22 15.65 8.09
C LEU A 119 3.59 16.95 8.77
N LYS A 120 4.29 16.83 9.90
CA LYS A 120 4.73 18.01 10.65
C LYS A 120 5.93 18.68 10.01
N GLU A 121 6.44 18.08 8.92
CA GLU A 121 7.60 18.62 8.23
C GLU A 121 7.20 19.73 7.26
N TYR A 122 5.89 19.90 7.07
CA TYR A 122 5.39 20.91 6.13
C TYR A 122 5.08 22.23 6.83
N GLU A 123 5.03 22.22 8.16
CA GLU A 123 4.81 23.46 8.90
C GLU A 123 6.14 24.15 9.16
N PRO A 124 6.26 25.42 8.73
CA PRO A 124 7.50 26.19 8.82
C PRO A 124 7.88 26.55 10.25
N GLU A 125 9.09 27.06 10.44
CA GLU A 125 9.58 27.42 11.77
C GLU A 125 9.08 28.80 12.18
N MET A 126 9.23 29.77 11.27
CA MET A 126 8.83 31.15 11.55
C MET A 126 8.06 31.77 10.39
N GLY A 127 7.28 32.80 10.69
CA GLY A 127 6.51 33.50 9.67
C GLY A 127 6.44 35.00 9.93
N LYS A 128 6.24 35.76 8.86
CA LYS A 128 6.20 37.22 8.96
C LYS A 128 4.79 37.72 9.25
N VAL A 129 4.67 38.62 10.23
CA VAL A 129 3.38 39.19 10.61
C VAL A 129 3.51 40.67 10.97
N TYR A 130 2.37 41.35 11.01
CA TYR A 130 2.35 42.77 11.40
C TYR A 130 1.58 42.97 12.70
N ARG A 131 2.29 43.18 13.79
CA ARG A 131 1.66 43.47 15.07
C ARG A 131 1.62 44.97 15.30
N ALA A 132 0.72 45.43 16.16
CA ALA A 132 0.50 46.85 16.38
C ALA A 132 1.49 47.45 17.37
N ASP A 133 2.41 46.64 17.87
CA ASP A 133 3.38 47.11 18.86
C ASP A 133 4.64 47.65 18.18
N ARG A 134 4.75 47.43 16.87
CA ARG A 134 5.89 47.93 16.11
C ARG A 134 5.46 48.40 14.72
N LYS A 135 6.36 49.11 14.04
CA LYS A 135 6.08 49.63 12.72
C LYS A 135 6.43 48.63 11.62
N SER A 136 7.72 48.33 11.48
CA SER A 136 8.18 47.42 10.44
C SER A 136 7.71 45.99 10.69
N VAL A 137 7.81 45.15 9.67
CA VAL A 137 7.39 43.76 9.78
C VAL A 137 8.29 42.99 10.74
N GLN A 138 7.70 42.05 11.47
CA GLN A 138 8.45 41.25 12.44
C GLN A 138 8.07 39.78 12.36
N ARG A 139 9.09 38.91 12.26
CA ARG A 139 8.85 37.48 12.17
C ARG A 139 8.95 36.80 13.54
N ILE A 140 8.10 35.81 13.76
CA ILE A 140 8.14 35.03 14.99
C ILE A 140 7.86 33.57 14.69
N LYS A 141 7.81 32.75 15.74
CA LYS A 141 7.48 31.34 15.60
C LYS A 141 6.12 31.16 14.93
N ALA A 142 6.03 30.21 14.02
CA ALA A 142 4.79 29.94 13.30
C ALA A 142 3.68 29.54 14.27
N ARG A 143 4.08 28.92 15.38
CA ARG A 143 3.14 28.47 16.40
C ARG A 143 2.56 29.66 17.16
N ASP A 144 3.28 30.78 17.14
CA ASP A 144 2.85 31.99 17.84
C ASP A 144 1.78 32.74 17.05
N ILE A 145 1.63 32.37 15.78
CA ILE A 145 0.64 33.01 14.91
C ILE A 145 -0.78 32.64 15.32
N VAL A 146 -1.69 33.60 15.21
CA VAL A 146 -3.08 33.38 15.56
C VAL A 146 -4.02 33.85 14.46
N PRO A 147 -5.26 33.33 14.47
CA PRO A 147 -6.29 33.77 13.52
C PRO A 147 -6.59 35.26 13.68
N GLY A 148 -6.39 36.03 12.63
CA GLY A 148 -6.62 37.46 12.68
C GLY A 148 -5.34 38.23 12.40
N ASP A 149 -4.20 37.55 12.59
CA ASP A 149 -2.90 38.14 12.30
C ASP A 149 -2.78 38.54 10.85
N ILE A 150 -2.27 39.75 10.62
CA ILE A 150 -2.01 40.23 9.27
C ILE A 150 -0.64 39.75 8.81
N VAL A 151 -0.61 38.55 8.24
CA VAL A 151 0.65 37.93 7.84
C VAL A 151 1.14 38.41 6.47
N GLU A 152 2.43 38.24 6.23
CA GLU A 152 3.04 38.60 4.96
C GLU A 152 3.82 37.42 4.38
N VAL A 153 3.75 37.25 3.07
CA VAL A 153 4.44 36.15 2.42
C VAL A 153 5.08 36.57 1.10
N ALA A 154 6.22 35.95 0.77
CA ALA A 154 6.92 36.25 -0.46
C ALA A 154 7.41 34.97 -1.12
N VAL A 155 8.12 35.11 -2.23
CA VAL A 155 8.64 33.96 -2.96
C VAL A 155 9.63 33.16 -2.12
N GLY A 156 9.48 31.84 -2.14
CA GLY A 156 10.36 30.97 -1.39
C GLY A 156 9.82 30.67 0.01
N ASP A 157 9.02 31.58 0.53
CA ASP A 157 8.44 31.42 1.86
C ASP A 157 7.38 30.32 1.89
N LYS A 158 7.41 29.50 2.92
CA LYS A 158 6.40 28.46 3.10
C LYS A 158 5.27 28.97 4.00
N VAL A 159 4.04 28.83 3.53
CA VAL A 159 2.88 29.35 4.24
C VAL A 159 2.69 28.69 5.59
N PRO A 160 2.62 29.50 6.66
CA PRO A 160 2.47 29.02 8.05
C PRO A 160 1.07 28.50 8.37
N ALA A 161 0.06 29.29 8.05
CA ALA A 161 -1.32 28.92 8.34
C ALA A 161 -2.24 29.19 7.16
N ASP A 162 -3.49 28.75 7.26
CA ASP A 162 -4.48 29.02 6.23
C ASP A 162 -4.81 30.51 6.19
N ILE A 163 -4.31 31.19 5.17
CA ILE A 163 -4.42 32.64 5.08
C ILE A 163 -5.43 33.09 4.03
N ARG A 164 -6.26 34.06 4.41
CA ARG A 164 -7.17 34.69 3.46
C ARG A 164 -6.49 35.91 2.86
N ILE A 165 -6.17 35.83 1.57
CA ILE A 165 -5.41 36.88 0.91
C ILE A 165 -6.13 38.22 0.94
N LEU A 166 -5.44 39.25 1.43
CA LEU A 166 -6.00 40.58 1.53
C LEU A 166 -5.62 41.45 0.35
N SER A 167 -4.33 41.48 0.02
CA SER A 167 -3.84 42.30 -1.08
C SER A 167 -2.54 41.75 -1.67
N ILE A 168 -2.46 41.70 -2.99
CA ILE A 168 -1.26 41.24 -3.68
C ILE A 168 -0.39 42.42 -4.07
N LYS A 169 0.78 42.52 -3.44
CA LYS A 169 1.68 43.65 -3.66
C LYS A 169 2.46 43.54 -4.95
N SER A 170 2.90 42.32 -5.27
CA SER A 170 3.62 42.09 -6.52
C SER A 170 2.66 42.12 -7.70
N THR A 171 3.21 41.93 -8.90
CA THR A 171 2.39 41.91 -10.11
C THR A 171 1.36 40.78 -10.05
N THR A 172 1.84 39.57 -9.82
CA THR A 172 0.98 38.41 -9.66
C THR A 172 1.53 37.45 -8.62
N LEU A 173 0.64 36.77 -7.89
CA LEU A 173 1.06 35.84 -6.85
C LEU A 173 0.83 34.40 -7.27
N ARG A 174 1.91 33.61 -7.24
CA ARG A 174 1.84 32.20 -7.59
C ARG A 174 2.22 31.33 -6.40
N VAL A 175 1.48 30.22 -6.24
CA VAL A 175 1.75 29.30 -5.13
C VAL A 175 1.82 27.86 -5.62
N ASP A 176 2.81 27.13 -5.11
CA ASP A 176 2.99 25.74 -5.49
C ASP A 176 2.23 24.82 -4.55
N GLN A 177 0.95 24.57 -4.86
CA GLN A 177 0.11 23.72 -4.03
C GLN A 177 0.23 22.26 -4.42
N SER A 178 1.46 21.79 -4.61
CA SER A 178 1.70 20.41 -5.02
C SER A 178 1.26 19.42 -3.95
N ILE A 179 1.39 19.79 -2.69
CA ILE A 179 1.08 18.90 -1.59
C ILE A 179 -0.43 18.74 -1.39
N LEU A 180 -1.20 19.70 -1.90
CA LEU A 180 -2.65 19.68 -1.73
C LEU A 180 -3.40 19.54 -3.05
N THR A 181 -2.65 19.45 -4.14
CA THR A 181 -3.27 19.32 -5.46
C THR A 181 -2.68 18.16 -6.26
N GLY A 182 -1.39 17.91 -6.05
CA GLY A 182 -0.68 16.90 -6.81
C GLY A 182 -0.12 17.50 -8.09
N GLU A 183 -0.95 18.29 -8.77
CA GLU A 183 -0.52 19.01 -9.96
C GLU A 183 0.50 20.08 -9.59
N SER A 184 1.74 19.88 -10.04
CA SER A 184 2.85 20.73 -9.63
C SER A 184 2.88 22.08 -10.35
N VAL A 185 1.73 22.49 -10.88
CA VAL A 185 1.64 23.77 -11.57
C VAL A 185 1.34 24.88 -10.57
N SER A 186 2.21 25.89 -10.55
CA SER A 186 2.04 27.02 -9.63
C SER A 186 0.79 27.82 -9.97
N VAL A 187 -0.28 27.57 -9.22
CA VAL A 187 -1.56 28.24 -9.45
C VAL A 187 -1.51 29.71 -9.04
N ILE A 188 -2.30 30.54 -9.72
CA ILE A 188 -2.36 31.96 -9.43
C ILE A 188 -3.52 32.29 -8.50
N LYS A 189 -3.27 33.18 -7.55
CA LYS A 189 -4.29 33.56 -6.58
C LYS A 189 -4.80 34.98 -6.82
N HIS A 190 -5.93 35.31 -6.20
CA HIS A 190 -6.52 36.64 -6.37
C HIS A 190 -7.06 37.18 -5.04
N THR A 191 -7.66 38.36 -5.09
CA THR A 191 -8.16 39.02 -3.89
C THR A 191 -9.68 38.86 -3.74
N GLU A 192 -10.39 38.91 -4.87
CA GLU A 192 -11.84 38.83 -4.86
C GLU A 192 -12.33 37.52 -4.25
N PRO A 193 -13.53 37.56 -3.62
CA PRO A 193 -14.10 36.42 -2.90
C PRO A 193 -14.73 35.38 -3.82
N VAL A 194 -14.77 34.13 -3.34
CA VAL A 194 -15.43 33.06 -4.08
C VAL A 194 -16.83 32.83 -3.52
N PRO A 195 -17.85 32.96 -4.38
CA PRO A 195 -19.26 32.94 -3.97
C PRO A 195 -19.68 31.64 -3.28
N ASP A 196 -19.15 30.52 -3.73
CA ASP A 196 -19.54 29.23 -3.18
C ASP A 196 -18.96 29.02 -1.78
N PRO A 197 -19.83 28.76 -0.79
CA PRO A 197 -19.44 28.53 0.60
C PRO A 197 -18.79 27.16 0.81
N ARG A 198 -19.31 26.14 0.13
CA ARG A 198 -18.73 24.80 0.21
C ARG A 198 -17.91 24.50 -1.03
N ALA A 199 -17.04 25.45 -1.41
CA ALA A 199 -16.19 25.28 -2.58
C ALA A 199 -14.97 24.44 -2.24
N VAL A 200 -14.48 23.67 -3.20
CA VAL A 200 -13.30 22.84 -3.02
C VAL A 200 -12.05 23.71 -2.92
N ASN A 201 -10.96 23.11 -2.44
CA ASN A 201 -9.73 23.85 -2.19
C ASN A 201 -9.10 24.43 -3.46
N GLN A 202 -9.30 23.75 -4.58
CA GLN A 202 -8.75 24.23 -5.84
C GLN A 202 -9.51 25.45 -6.33
N ASP A 203 -10.79 25.53 -6.00
CA ASP A 203 -11.63 26.65 -6.39
C ASP A 203 -11.35 27.88 -5.53
N LYS A 204 -10.74 27.66 -4.37
CA LYS A 204 -10.38 28.75 -3.48
C LYS A 204 -9.20 29.53 -4.03
N LYS A 205 -9.50 30.47 -4.94
CA LYS A 205 -8.46 31.24 -5.62
C LYS A 205 -7.92 32.38 -4.77
N ASN A 206 -8.45 32.52 -3.55
CA ASN A 206 -8.07 33.62 -2.67
C ASN A 206 -7.53 33.14 -1.33
N MET A 207 -7.07 31.90 -1.28
CA MET A 207 -6.58 31.33 -0.02
C MET A 207 -5.15 30.81 -0.14
N LEU A 208 -4.39 30.96 0.94
CA LEU A 208 -3.05 30.39 1.03
C LEU A 208 -3.02 29.33 2.12
N PHE A 209 -2.95 28.07 1.72
CA PHE A 209 -3.02 26.96 2.67
C PHE A 209 -1.68 26.70 3.36
N SER A 210 -1.75 26.24 4.60
CA SER A 210 -0.55 25.90 5.35
C SER A 210 0.17 24.73 4.69
N GLY A 211 1.50 24.76 4.73
CA GLY A 211 2.29 23.74 4.08
C GLY A 211 2.68 24.14 2.67
N THR A 212 1.81 24.93 2.03
CA THR A 212 2.06 25.42 0.69
C THR A 212 3.16 26.47 0.70
N ASN A 213 3.93 26.52 -0.39
CA ASN A 213 4.99 27.52 -0.52
C ASN A 213 4.80 28.39 -1.76
N ILE A 214 5.13 29.67 -1.62
CA ILE A 214 4.96 30.62 -2.72
C ILE A 214 6.01 30.41 -3.80
N ALA A 215 5.54 30.20 -5.03
CA ALA A 215 6.43 29.97 -6.16
C ALA A 215 6.98 31.28 -6.70
N ALA A 216 6.16 32.33 -6.66
CA ALA A 216 6.56 33.64 -7.14
C ALA A 216 5.58 34.72 -6.71
N GLY A 217 6.11 35.87 -6.31
CA GLY A 217 5.29 37.00 -5.91
C GLY A 217 5.37 37.34 -4.44
N LYS A 218 4.54 38.30 -4.01
CA LYS A 218 4.50 38.73 -2.62
C LYS A 218 3.14 39.34 -2.31
N ALA A 219 2.58 39.00 -1.15
CA ALA A 219 1.25 39.48 -0.78
C ALA A 219 1.04 39.52 0.72
N LEU A 220 0.00 40.24 1.14
CA LEU A 220 -0.37 40.33 2.55
C LEU A 220 -1.77 39.80 2.75
N GLY A 221 -1.98 39.08 3.85
CA GLY A 221 -3.27 38.45 4.10
C GLY A 221 -3.62 38.32 5.57
N ILE A 222 -4.84 37.87 5.82
CA ILE A 222 -5.34 37.68 7.18
C ILE A 222 -5.53 36.19 7.46
N VAL A 223 -5.12 35.75 8.65
CA VAL A 223 -5.19 34.33 9.00
C VAL A 223 -6.60 33.89 9.36
N ALA A 224 -7.10 32.88 8.66
CA ALA A 224 -8.43 32.36 8.90
C ALA A 224 -8.43 31.24 9.94
N THR A 225 -7.75 30.15 9.63
CA THR A 225 -7.66 29.02 10.55
C THR A 225 -6.20 28.69 10.87
N THR A 226 -5.99 28.05 12.01
CA THR A 226 -4.64 27.70 12.45
C THR A 226 -4.58 26.33 13.11
N GLY A 227 -3.46 25.63 12.92
CA GLY A 227 -3.25 24.34 13.55
C GLY A 227 -4.12 23.24 12.98
N VAL A 228 -5.00 22.70 13.81
CA VAL A 228 -5.85 21.59 13.41
C VAL A 228 -7.02 22.05 12.54
N SER A 229 -7.29 23.35 12.55
CA SER A 229 -8.39 23.91 11.78
C SER A 229 -8.00 24.15 10.33
N THR A 230 -6.70 24.07 10.04
CA THR A 230 -6.21 24.26 8.68
C THR A 230 -6.55 23.05 7.82
N GLU A 231 -6.33 23.19 6.51
CA GLU A 231 -6.58 22.08 5.59
C GLU A 231 -5.66 20.92 5.89
N ILE A 232 -4.42 21.23 6.29
CA ILE A 232 -3.48 20.21 6.71
C ILE A 232 -3.95 19.59 8.02
N GLY A 233 -4.47 20.44 8.91
CA GLY A 233 -4.95 19.99 10.20
C GLY A 233 -6.16 19.08 10.08
N LYS A 234 -7.04 19.40 9.14
CA LYS A 234 -8.24 18.59 8.92
C LYS A 234 -7.86 17.23 8.35
N ILE A 235 -6.76 17.21 7.59
CA ILE A 235 -6.25 15.95 7.05
C ILE A 235 -5.58 15.13 8.15
N ARG A 236 -4.92 15.83 9.07
CA ARG A 236 -4.21 15.18 10.17
C ARG A 236 -5.19 14.48 11.11
N ASP A 237 -6.26 15.17 11.48
CA ASP A 237 -7.25 14.63 12.39
C ASP A 237 -7.96 13.40 11.80
N GLN A 238 -8.04 13.35 10.48
CA GLN A 238 -8.63 12.20 9.80
C GLN A 238 -7.73 10.98 9.92
N MET A 239 -6.43 11.20 9.80
CA MET A 239 -5.46 10.12 9.92
C MET A 239 -5.32 9.67 11.36
N ALA A 240 -5.43 10.62 12.28
CA ALA A 240 -5.31 10.32 13.70
C ALA A 240 -6.54 9.57 14.22
N ALA A 241 -7.63 9.65 13.47
CA ALA A 241 -8.88 8.99 13.86
C ALA A 241 -8.97 7.58 13.30
N THR A 242 -8.46 7.39 12.09
CA THR A 242 -8.52 6.09 11.44
C THR A 242 -7.63 5.06 12.13
N GLU A 243 -8.22 3.95 12.56
CA GLU A 243 -7.48 2.88 13.21
C GLU A 243 -7.15 1.75 12.23
N GLN A 244 -5.86 1.44 12.12
CA GLN A 244 -5.41 0.38 11.23
C GLN A 244 -5.66 -1.00 11.83
N ASP A 245 -6.53 -1.78 11.19
CA ASP A 245 -6.82 -3.14 11.66
C ASP A 245 -5.68 -4.09 11.34
N LYS A 246 -5.65 -5.22 12.03
CA LYS A 246 -4.60 -6.22 11.82
C LYS A 246 -4.95 -7.11 10.63
N THR A 247 -3.92 -7.52 9.88
CA THR A 247 -4.11 -8.38 8.72
C THR A 247 -4.82 -9.67 9.10
N PRO A 248 -5.66 -10.18 8.19
CA PRO A 248 -6.49 -11.36 8.43
C PRO A 248 -5.70 -12.55 8.99
N LEU A 249 -4.47 -12.72 8.54
CA LEU A 249 -3.62 -13.79 9.04
C LEU A 249 -3.29 -13.59 10.52
N GLN A 250 -2.98 -12.36 10.89
CA GLN A 250 -2.65 -12.03 12.27
C GLN A 250 -3.82 -12.33 13.21
N GLN A 251 -5.03 -12.10 12.72
CA GLN A 251 -6.22 -12.38 13.51
C GLN A 251 -6.42 -13.88 13.70
N LYS A 252 -5.98 -14.65 12.72
CA LYS A 252 -6.10 -16.10 12.78
C LYS A 252 -5.05 -16.71 13.70
N LEU A 253 -3.88 -16.09 13.74
CA LEU A 253 -2.81 -16.54 14.63
C LEU A 253 -3.13 -16.20 16.07
N ASP A 254 -3.83 -15.08 16.27
CA ASP A 254 -4.33 -14.71 17.59
C ASP A 254 -5.46 -15.65 17.98
N GLU A 255 -6.32 -15.95 17.01
CA GLU A 255 -7.44 -16.87 17.21
C GLU A 255 -6.95 -18.29 17.49
N PHE A 256 -5.81 -18.64 16.88
CA PHE A 256 -5.20 -19.94 17.09
C PHE A 256 -4.59 -20.04 18.48
N GLY A 257 -4.02 -18.93 18.94
CA GLY A 257 -3.42 -18.87 20.26
C GLY A 257 -4.46 -19.06 21.35
N GLU A 258 -5.68 -18.64 21.07
CA GLU A 258 -6.78 -18.79 22.02
C GLU A 258 -7.27 -20.23 22.06
N GLN A 259 -7.33 -20.86 20.89
CA GLN A 259 -7.73 -22.26 20.80
C GLN A 259 -6.69 -23.16 21.46
N LEU A 260 -5.41 -22.86 21.21
CA LEU A 260 -4.32 -23.66 21.75
C LEU A 260 -4.23 -23.51 23.26
N SER A 261 -4.73 -22.39 23.78
CA SER A 261 -4.76 -22.15 25.23
C SER A 261 -5.78 -23.07 25.89
N LYS A 262 -6.94 -23.22 25.24
CA LYS A 262 -7.97 -24.12 25.74
C LYS A 262 -7.51 -25.56 25.69
N VAL A 263 -6.68 -25.88 24.70
CA VAL A 263 -6.16 -27.23 24.54
C VAL A 263 -5.21 -27.60 25.67
N ILE A 264 -4.34 -26.67 26.03
CA ILE A 264 -3.39 -26.90 27.11
C ILE A 264 -4.10 -27.01 28.46
N SER A 265 -5.01 -26.09 28.72
CA SER A 265 -5.75 -26.09 29.98
C SER A 265 -6.66 -27.30 30.11
N LEU A 266 -7.07 -27.84 28.96
CA LEU A 266 -7.95 -29.01 28.94
C LEU A 266 -7.19 -30.27 29.34
N ILE A 267 -6.01 -30.44 28.74
CA ILE A 267 -5.19 -31.63 28.99
C ILE A 267 -4.58 -31.62 30.38
N CYS A 268 -4.24 -30.42 30.86
CA CYS A 268 -3.69 -30.28 32.21
C CYS A 268 -4.69 -30.79 33.25
N VAL A 269 -5.97 -30.64 32.95
CA VAL A 269 -7.03 -31.15 33.82
C VAL A 269 -7.29 -32.62 33.53
N ALA A 270 -7.19 -32.99 32.26
CA ALA A 270 -7.41 -34.37 31.82
C ALA A 270 -6.36 -35.28 32.45
N VAL A 271 -5.13 -34.79 32.54
CA VAL A 271 -4.06 -35.54 33.18
C VAL A 271 -4.35 -35.73 34.66
N TRP A 272 -4.95 -34.70 35.26
CA TRP A 272 -5.32 -34.75 36.66
C TRP A 272 -6.50 -35.68 36.89
N LEU A 273 -7.33 -35.86 35.87
CA LEU A 273 -8.49 -36.73 35.95
C LEU A 273 -8.09 -38.20 35.81
N ILE A 274 -7.03 -38.46 35.06
CA ILE A 274 -6.54 -39.82 34.87
C ILE A 274 -5.92 -40.35 36.16
N ASN A 275 -5.24 -39.48 36.89
CA ASN A 275 -4.66 -39.85 38.18
C ASN A 275 -5.65 -39.65 39.32
N ILE A 276 -6.91 -39.96 39.06
CA ILE A 276 -7.95 -39.87 40.07
C ILE A 276 -7.87 -41.07 41.00
N GLY A 277 -7.11 -42.08 40.57
CA GLY A 277 -6.91 -43.28 41.38
C GLY A 277 -6.04 -43.02 42.58
N HIS A 278 -5.26 -41.94 42.53
CA HIS A 278 -4.40 -41.56 43.65
C HIS A 278 -5.24 -41.05 44.82
N PHE A 279 -6.51 -40.77 44.56
CA PHE A 279 -7.42 -40.34 45.61
C PHE A 279 -7.75 -41.51 46.52
N ASN A 280 -7.70 -42.71 45.95
CA ASN A 280 -7.92 -43.93 46.72
C ASN A 280 -6.59 -44.61 47.09
N ASP A 281 -5.63 -43.81 47.53
CA ASP A 281 -4.34 -44.34 47.96
C ASP A 281 -4.06 -44.01 49.42
N PRO A 282 -3.21 -44.82 50.07
CA PRO A 282 -2.86 -44.66 51.48
C PRO A 282 -1.96 -43.45 51.74
N VAL A 283 -2.06 -42.88 52.93
CA VAL A 283 -1.21 -41.76 53.33
C VAL A 283 0.23 -42.24 53.56
N HIS A 284 0.37 -43.42 54.15
CA HIS A 284 1.67 -44.01 54.41
C HIS A 284 2.18 -44.74 53.16
N GLY A 285 2.40 -43.98 52.09
CA GLY A 285 2.89 -44.53 50.84
C GLY A 285 3.14 -43.42 49.84
N GLY A 286 4.37 -42.93 49.81
CA GLY A 286 4.71 -41.80 48.96
C GLY A 286 4.39 -40.49 49.68
N SER A 287 4.47 -39.39 48.95
CA SER A 287 4.19 -38.09 49.52
C SER A 287 3.54 -37.16 48.51
N TRP A 288 2.94 -36.08 48.99
CA TRP A 288 2.32 -35.10 48.12
C TRP A 288 3.41 -34.29 47.40
N ILE A 289 4.58 -34.23 48.01
CA ILE A 289 5.70 -33.48 47.44
C ILE A 289 6.28 -34.19 46.23
N ARG A 290 6.24 -35.52 46.25
CA ARG A 290 6.74 -36.30 45.13
C ARG A 290 5.75 -36.28 43.97
N GLY A 291 4.46 -36.20 44.29
CA GLY A 291 3.42 -36.17 43.28
C GLY A 291 3.33 -34.84 42.57
N ALA A 292 3.38 -33.76 43.34
CA ALA A 292 3.28 -32.41 42.77
C ALA A 292 4.43 -32.12 41.83
N ILE A 293 5.59 -32.69 42.10
CA ILE A 293 6.75 -32.53 41.24
C ILE A 293 6.48 -33.08 39.85
N TYR A 294 5.80 -34.23 39.80
CA TYR A 294 5.47 -34.86 38.53
C TYR A 294 4.34 -34.09 37.82
N TYR A 295 3.39 -33.60 38.60
CA TYR A 295 2.28 -32.83 38.04
C TYR A 295 2.77 -31.49 37.47
N PHE A 296 3.63 -30.81 38.22
CA PHE A 296 4.15 -29.52 37.82
C PHE A 296 5.11 -29.63 36.65
N LYS A 297 5.95 -30.67 36.67
CA LYS A 297 6.94 -30.87 35.61
C LYS A 297 6.27 -31.36 34.34
N ILE A 298 5.05 -31.87 34.48
CA ILE A 298 4.26 -32.29 33.31
C ILE A 298 3.60 -31.09 32.65
N ALA A 299 3.03 -30.21 33.47
CA ALA A 299 2.34 -29.02 32.96
C ALA A 299 3.29 -28.11 32.20
N VAL A 300 4.50 -27.94 32.73
CA VAL A 300 5.51 -27.10 32.09
C VAL A 300 6.03 -27.75 30.82
N ALA A 301 6.19 -29.07 30.87
CA ALA A 301 6.65 -29.83 29.71
C ALA A 301 5.55 -29.92 28.66
N LEU A 302 4.31 -29.88 29.13
CA LEU A 302 3.15 -29.94 28.23
C LEU A 302 2.91 -28.59 27.56
N ALA A 303 3.32 -27.52 28.24
CA ALA A 303 3.12 -26.17 27.73
C ALA A 303 4.03 -25.88 26.54
N VAL A 304 5.29 -26.29 26.64
CA VAL A 304 6.26 -26.06 25.58
C VAL A 304 6.05 -27.00 24.40
N ALA A 305 5.44 -28.15 24.68
CA ALA A 305 5.22 -29.16 23.64
C ALA A 305 4.12 -28.73 22.67
N ALA A 306 3.07 -28.11 23.19
CA ALA A 306 1.95 -27.69 22.38
C ALA A 306 2.24 -26.41 21.60
N ILE A 307 3.00 -25.52 22.21
CA ILE A 307 3.29 -24.22 21.62
C ILE A 307 4.39 -24.29 20.56
N PRO A 308 4.09 -23.82 19.35
CA PRO A 308 5.09 -23.66 18.28
C PRO A 308 5.93 -22.40 18.51
N GLU A 309 6.76 -22.41 19.54
CA GLU A 309 7.50 -21.21 19.95
C GLU A 309 8.50 -20.73 18.89
N GLY A 310 8.74 -21.54 17.87
CA GLY A 310 9.67 -21.18 16.82
C GLY A 310 9.01 -20.48 15.64
N LEU A 311 7.68 -20.49 15.63
CA LEU A 311 6.90 -19.97 14.50
C LEU A 311 7.21 -18.50 14.16
N PRO A 312 7.10 -17.60 15.15
CA PRO A 312 7.29 -16.16 14.93
C PRO A 312 8.62 -15.80 14.30
N ALA A 313 9.70 -16.43 14.75
CA ALA A 313 11.01 -16.18 14.18
C ALA A 313 11.10 -16.72 12.76
N VAL A 314 10.33 -17.77 12.49
CA VAL A 314 10.34 -18.38 11.16
C VAL A 314 9.64 -17.52 10.12
N ILE A 315 8.51 -16.93 10.50
CA ILE A 315 7.74 -16.11 9.56
C ILE A 315 8.40 -14.75 9.35
N THR A 316 9.01 -14.22 10.41
CA THR A 316 9.66 -12.92 10.32
C THR A 316 10.84 -12.97 9.36
N THR A 317 11.53 -14.10 9.35
CA THR A 317 12.65 -14.30 8.44
C THR A 317 12.14 -14.50 7.01
N CYS A 318 10.98 -15.16 6.89
CA CYS A 318 10.39 -15.42 5.59
C CYS A 318 9.88 -14.15 4.94
N LEU A 319 9.20 -13.32 5.72
CA LEU A 319 8.67 -12.06 5.22
C LEU A 319 9.80 -11.06 4.96
N ALA A 320 10.89 -11.19 5.70
CA ALA A 320 12.06 -10.34 5.48
C ALA A 320 12.68 -10.67 4.13
N LEU A 321 12.72 -11.94 3.78
CA LEU A 321 13.22 -12.38 2.49
C LEU A 321 12.18 -12.08 1.40
N GLY A 322 10.94 -11.95 1.82
CA GLY A 322 9.86 -11.62 0.90
C GLY A 322 9.89 -10.15 0.54
N THR A 323 10.42 -9.34 1.45
CA THR A 323 10.50 -7.90 1.23
C THR A 323 11.54 -7.56 0.17
N ARG A 324 12.68 -8.25 0.22
CA ARG A 324 13.76 -8.02 -0.75
C ARG A 324 13.34 -8.53 -2.12
N ARG A 325 12.44 -9.49 -2.14
CA ARG A 325 11.95 -10.09 -3.38
C ARG A 325 10.94 -9.17 -4.06
N MET A 326 10.14 -8.49 -3.25
CA MET A 326 9.12 -7.57 -3.76
C MET A 326 9.75 -6.26 -4.22
N ALA A 327 10.79 -5.81 -3.51
CA ALA A 327 11.48 -4.57 -3.86
C ALA A 327 12.18 -4.71 -5.21
N LYS A 328 12.59 -5.93 -5.54
CA LYS A 328 13.24 -6.19 -6.82
C LYS A 328 12.26 -6.06 -7.98
N LYS A 329 11.00 -6.37 -7.72
CA LYS A 329 9.96 -6.24 -8.74
C LYS A 329 9.29 -4.88 -8.68
N ASN A 330 10.03 -3.88 -8.20
CA ASN A 330 9.54 -2.51 -8.12
C ASN A 330 8.32 -2.39 -7.21
N ALA A 331 8.51 -2.73 -5.93
CA ALA A 331 7.43 -2.64 -4.95
C ALA A 331 8.00 -2.53 -3.55
N ILE A 332 8.17 -1.31 -3.07
CA ILE A 332 8.74 -1.06 -1.76
C ILE A 332 7.71 -1.21 -0.65
N VAL A 333 7.61 -2.42 -0.11
CA VAL A 333 6.69 -2.69 1.00
C VAL A 333 7.25 -2.14 2.30
N ARG A 334 6.39 -1.53 3.10
CA ARG A 334 6.83 -0.90 4.34
C ARG A 334 6.73 -1.86 5.53
N SER A 335 5.52 -2.24 5.89
CA SER A 335 5.29 -3.15 7.01
C SER A 335 5.49 -4.59 6.58
N LEU A 336 5.99 -5.42 7.50
CA LEU A 336 6.26 -6.83 7.19
C LEU A 336 5.00 -7.63 6.86
N PRO A 337 3.98 -7.55 7.72
CA PRO A 337 2.73 -8.31 7.48
C PRO A 337 2.04 -7.92 6.17
N SER A 338 2.42 -6.79 5.60
CA SER A 338 1.79 -6.29 4.38
C SER A 338 2.10 -7.18 3.18
N VAL A 339 3.21 -7.89 3.23
CA VAL A 339 3.60 -8.77 2.13
C VAL A 339 2.69 -9.98 2.04
N GLU A 340 2.17 -10.41 3.18
CA GLU A 340 1.29 -11.57 3.23
C GLU A 340 -0.15 -11.19 2.87
N THR A 341 -0.62 -10.09 3.45
CA THR A 341 -1.99 -9.65 3.24
C THR A 341 -2.19 -9.13 1.82
N LEU A 342 -1.10 -8.90 1.11
CA LEU A 342 -1.15 -8.36 -0.24
C LEU A 342 -1.76 -9.37 -1.22
N GLY A 343 -1.57 -10.65 -0.92
CA GLY A 343 -2.14 -11.70 -1.74
C GLY A 343 -3.64 -11.83 -1.54
N CYS A 344 -4.12 -11.28 -0.44
CA CYS A 344 -5.54 -11.31 -0.11
C CYS A 344 -6.26 -10.11 -0.71
N THR A 345 -5.55 -9.36 -1.55
CA THR A 345 -6.11 -8.17 -2.18
C THR A 345 -7.33 -8.50 -3.03
N SER A 346 -8.48 -7.97 -2.63
CA SER A 346 -9.73 -8.25 -3.32
C SER A 346 -10.07 -7.16 -4.35
N VAL A 347 -9.75 -5.93 -4.00
CA VAL A 347 -10.06 -4.79 -4.87
C VAL A 347 -8.85 -3.87 -5.03
N ILE A 348 -8.72 -3.28 -6.20
CA ILE A 348 -7.63 -2.34 -6.48
C ILE A 348 -8.14 -1.06 -7.12
N CYS A 349 -8.20 0.01 -6.34
CA CYS A 349 -8.59 1.32 -6.83
C CYS A 349 -7.36 2.11 -7.26
N SER A 350 -7.22 2.35 -8.55
CA SER A 350 -6.03 3.00 -9.08
C SER A 350 -6.36 4.29 -9.84
N ASP A 351 -5.38 5.17 -9.96
CA ASP A 351 -5.54 6.42 -10.70
C ASP A 351 -5.10 6.22 -12.14
N LYS A 352 -5.75 6.94 -13.06
CA LYS A 352 -5.47 6.79 -14.49
C LYS A 352 -4.10 7.36 -14.86
N THR A 353 -3.94 8.66 -14.64
CA THR A 353 -2.71 9.36 -15.03
C THR A 353 -1.52 8.92 -14.19
N GLY A 354 -0.45 8.50 -14.88
CA GLY A 354 0.77 8.11 -14.21
C GLY A 354 0.87 6.62 -13.96
N THR A 355 -0.17 6.05 -13.36
CA THR A 355 -0.18 4.63 -13.03
C THR A 355 -0.64 3.78 -14.20
N LEU A 356 -1.87 4.03 -14.66
CA LEU A 356 -2.44 3.29 -15.78
C LEU A 356 -1.91 3.79 -17.12
N THR A 357 -1.52 5.05 -17.17
CA THR A 357 -1.00 5.65 -18.40
C THR A 357 0.44 6.10 -18.24
N THR A 358 1.12 6.31 -19.37
CA THR A 358 2.52 6.71 -19.37
C THR A 358 2.68 8.21 -19.10
N ASN A 359 1.58 8.95 -19.24
CA ASN A 359 1.59 10.40 -19.09
C ASN A 359 2.45 11.05 -20.18
N GLN A 360 2.66 10.31 -21.27
CA GLN A 360 3.36 10.84 -22.43
C GLN A 360 2.36 11.48 -23.39
N MET A 361 1.91 12.67 -23.04
CA MET A 361 0.87 13.35 -23.82
C MET A 361 1.35 13.71 -25.22
N SER A 362 0.49 13.50 -26.20
CA SER A 362 0.81 13.82 -27.59
C SER A 362 -0.45 13.95 -28.44
N VAL A 363 -0.49 15.00 -29.27
CA VAL A 363 -1.64 15.23 -30.14
C VAL A 363 -1.65 14.23 -31.29
N CYS A 364 -2.75 13.49 -31.41
CA CYS A 364 -2.88 12.47 -32.44
C CYS A 364 -3.66 12.96 -33.65
N LYS A 365 -4.83 13.55 -33.40
CA LYS A 365 -5.69 14.02 -34.47
C LYS A 365 -6.05 15.50 -34.28
N MET A 366 -6.43 16.14 -35.38
CA MET A 366 -6.80 17.56 -35.36
C MET A 366 -7.62 17.91 -36.59
N PHE A 367 -8.75 18.59 -36.39
CA PHE A 367 -9.61 18.96 -37.51
C PHE A 367 -9.94 20.44 -37.50
N ILE A 368 -10.01 21.03 -38.69
CA ILE A 368 -10.43 22.41 -38.86
C ILE A 368 -11.55 22.47 -39.90
N ILE A 369 -12.10 23.67 -40.10
CA ILE A 369 -13.17 23.86 -41.08
C ILE A 369 -12.61 23.94 -42.50
N ASP A 370 -13.17 23.14 -43.40
CA ASP A 370 -12.77 23.17 -44.79
C ASP A 370 -13.60 24.19 -45.55
N LYS A 371 -14.91 24.13 -45.37
CA LYS A 371 -15.84 25.06 -45.99
C LYS A 371 -17.27 24.87 -45.50
N VAL A 372 -18.00 25.97 -45.36
CA VAL A 372 -19.39 25.93 -44.96
C VAL A 372 -20.28 26.60 -46.02
N ASP A 373 -21.40 25.95 -46.35
CA ASP A 373 -22.29 26.46 -47.38
C ASP A 373 -23.72 25.94 -47.21
N GLY A 374 -24.54 26.67 -46.48
CA GLY A 374 -25.92 26.29 -46.25
C GLY A 374 -26.04 25.05 -45.38
N ASP A 375 -26.74 24.04 -45.89
CA ASP A 375 -26.92 22.79 -45.17
C ASP A 375 -25.65 21.95 -45.21
N PHE A 376 -24.87 22.11 -46.26
CA PHE A 376 -23.64 21.36 -46.45
C PHE A 376 -22.53 21.84 -45.53
N CYS A 377 -21.73 20.91 -45.02
CA CYS A 377 -20.63 21.26 -44.14
C CYS A 377 -19.50 20.24 -44.26
N SER A 378 -18.29 20.73 -44.49
CA SER A 378 -17.13 19.86 -44.65
C SER A 378 -16.01 20.25 -43.71
N LEU A 379 -15.42 19.25 -43.06
CA LEU A 379 -14.30 19.47 -42.15
C LEU A 379 -12.99 19.08 -42.83
N ASN A 380 -11.91 19.09 -42.06
CA ASN A 380 -10.59 18.72 -42.57
C ASN A 380 -9.76 18.03 -41.49
N GLU A 381 -9.95 16.73 -41.35
CA GLU A 381 -9.26 15.96 -40.32
C GLU A 381 -7.81 15.68 -40.67
N PHE A 382 -6.96 15.62 -39.66
CA PHE A 382 -5.55 15.30 -39.85
C PHE A 382 -5.08 14.29 -38.81
N SER A 383 -3.86 13.78 -39.01
CA SER A 383 -3.27 12.84 -38.05
C SER A 383 -1.79 13.16 -37.87
N ILE A 384 -1.30 13.00 -36.65
CA ILE A 384 0.08 13.33 -36.32
C ILE A 384 0.85 12.11 -35.84
N THR A 385 2.09 12.00 -36.29
CA THR A 385 2.95 10.88 -35.90
C THR A 385 3.93 11.30 -34.82
N GLY A 386 4.27 10.36 -33.94
CA GLY A 386 5.24 10.62 -32.88
C GLY A 386 4.61 10.67 -31.51
N SER A 387 4.46 9.50 -30.89
CA SER A 387 3.91 9.42 -29.54
C SER A 387 4.96 9.81 -28.51
N THR A 388 5.31 11.09 -28.49
CA THR A 388 6.34 11.59 -27.59
C THR A 388 6.39 13.11 -27.60
N TYR A 389 7.14 13.69 -26.67
CA TYR A 389 7.30 15.13 -26.62
C TYR A 389 8.34 15.59 -27.65
N ALA A 390 8.98 14.64 -28.31
CA ALA A 390 9.97 14.95 -29.33
C ALA A 390 9.29 15.48 -30.60
N PRO A 391 9.98 16.39 -31.31
CA PRO A 391 9.46 17.01 -32.53
C PRO A 391 9.55 16.09 -33.76
N GLU A 392 10.23 14.95 -33.60
CA GLU A 392 10.42 14.02 -34.70
C GLU A 392 9.11 13.35 -35.09
N GLY A 393 8.45 13.89 -36.12
CA GLY A 393 7.20 13.35 -36.61
C GLY A 393 6.73 14.04 -37.87
N GLU A 394 5.46 13.86 -38.22
CA GLU A 394 4.89 14.47 -39.42
C GLU A 394 3.36 14.48 -39.39
N VAL A 395 2.78 15.37 -40.17
CA VAL A 395 1.33 15.45 -40.29
C VAL A 395 0.88 14.90 -41.64
N LEU A 396 -0.28 14.25 -41.66
CA LEU A 396 -0.79 13.64 -42.89
C LEU A 396 -2.31 13.58 -42.91
N LYS A 397 -2.89 13.84 -44.07
CA LYS A 397 -4.35 13.79 -44.23
C LYS A 397 -4.78 12.50 -44.92
N ASN A 398 -5.56 11.70 -44.20
CA ASN A 398 -6.05 10.43 -44.74
C ASN A 398 -4.91 9.49 -45.14
N ASP A 399 -3.99 9.26 -44.21
CA ASP A 399 -2.87 8.34 -44.43
C ASP A 399 -1.96 8.81 -45.57
N LYS A 400 -1.88 10.11 -45.78
CA LYS A 400 -0.99 10.68 -46.77
C LYS A 400 -0.37 11.97 -46.28
N PRO A 401 0.97 12.02 -46.24
CA PRO A 401 1.73 13.17 -45.71
C PRO A 401 1.41 14.47 -46.46
N ILE A 402 1.31 15.57 -45.73
CA ILE A 402 0.96 16.85 -46.32
C ILE A 402 1.78 17.99 -45.74
N ARG A 403 1.67 19.16 -46.35
CA ARG A 403 2.32 20.36 -45.84
C ARG A 403 1.28 21.25 -45.17
N SER A 404 1.34 21.34 -43.85
CA SER A 404 0.34 22.08 -43.08
C SER A 404 0.39 23.58 -43.36
N GLY A 405 1.47 24.02 -44.01
CA GLY A 405 1.63 25.43 -44.33
C GLY A 405 0.67 25.90 -45.42
N GLN A 406 0.17 24.96 -46.20
CA GLN A 406 -0.74 25.28 -47.30
C GLN A 406 -2.19 25.33 -46.84
N PHE A 407 -2.41 25.19 -45.53
CA PHE A 407 -3.75 25.30 -44.97
C PHE A 407 -3.84 26.47 -44.00
N ASP A 408 -4.61 27.49 -44.37
CA ASP A 408 -4.72 28.70 -43.58
C ASP A 408 -5.23 28.43 -42.17
N GLY A 409 -6.19 27.51 -42.06
CA GLY A 409 -6.76 27.15 -40.78
C GLY A 409 -5.75 26.53 -39.83
N LEU A 410 -4.81 25.76 -40.39
CA LEU A 410 -3.79 25.10 -39.59
C LEU A 410 -2.70 26.07 -39.16
N VAL A 411 -2.56 27.16 -39.90
CA VAL A 411 -1.58 28.18 -39.57
C VAL A 411 -1.96 28.86 -38.26
N GLU A 412 -3.23 29.25 -38.15
CA GLU A 412 -3.74 29.86 -36.94
C GLU A 412 -3.87 28.81 -35.84
N LEU A 413 -3.99 27.54 -36.25
CA LEU A 413 -4.06 26.43 -35.30
C LEU A 413 -2.77 26.38 -34.50
N ALA A 414 -1.63 26.43 -35.18
CA ALA A 414 -0.34 26.41 -34.52
C ALA A 414 -0.06 27.74 -33.82
N THR A 415 -0.72 28.79 -34.29
CA THR A 415 -0.56 30.12 -33.70
C THR A 415 -1.13 30.15 -32.29
N ILE A 416 -2.32 29.60 -32.13
CA ILE A 416 -2.97 29.55 -30.83
C ILE A 416 -2.25 28.58 -29.89
N CYS A 417 -1.78 27.47 -30.46
CA CYS A 417 -1.08 26.45 -29.67
C CYS A 417 0.28 26.94 -29.19
N ALA A 418 0.82 27.93 -29.89
CA ALA A 418 2.14 28.47 -29.54
C ALA A 418 2.03 29.63 -28.58
N LEU A 419 1.12 30.55 -28.86
CA LEU A 419 0.94 31.73 -28.01
C LEU A 419 0.21 31.38 -26.72
N CYS A 420 -1.02 30.88 -26.85
CA CYS A 420 -1.77 30.43 -25.69
C CYS A 420 -1.14 29.17 -25.10
N ASN A 421 0.04 29.34 -24.52
CA ASN A 421 0.81 28.22 -24.02
C ASN A 421 1.89 28.68 -23.03
N ASP A 422 1.93 28.05 -21.87
CA ASP A 422 2.92 28.41 -20.85
C ASP A 422 4.05 27.37 -20.78
N SER A 423 3.87 26.26 -21.48
CA SER A 423 4.85 25.19 -21.48
C SER A 423 5.84 25.32 -22.64
N SER A 424 6.90 24.52 -22.58
CA SER A 424 7.93 24.54 -23.63
C SER A 424 8.79 23.29 -23.56
N LEU A 425 9.40 22.93 -24.69
CA LEU A 425 10.26 21.75 -24.76
C LEU A 425 11.69 22.08 -24.35
N ASP A 426 12.48 21.05 -24.05
CA ASP A 426 13.86 21.24 -23.65
C ASP A 426 14.67 19.95 -23.86
N PHE A 427 15.70 20.04 -24.68
CA PHE A 427 16.55 18.88 -24.96
C PHE A 427 17.47 18.57 -23.78
N ASN A 428 17.55 17.29 -23.44
CA ASN A 428 18.39 16.86 -22.32
C ASN A 428 19.70 16.26 -22.80
N GLU A 429 20.80 16.61 -22.13
CA GLU A 429 22.13 16.14 -22.53
C GLU A 429 22.51 14.86 -21.79
N THR A 430 22.12 14.78 -20.51
CA THR A 430 22.45 13.63 -19.69
C THR A 430 21.73 12.37 -20.15
N LYS A 431 20.41 12.42 -20.17
CA LYS A 431 19.61 11.29 -20.63
C LYS A 431 19.76 11.10 -22.14
N GLY A 432 19.76 12.21 -22.87
CA GLY A 432 19.90 12.17 -24.32
C GLY A 432 18.56 12.08 -25.04
N VAL A 433 17.60 12.89 -24.60
CA VAL A 433 16.28 12.92 -25.20
C VAL A 433 15.49 14.14 -24.74
N TYR A 434 14.52 14.56 -25.55
CA TYR A 434 13.69 15.73 -25.22
C TYR A 434 12.90 15.54 -23.93
N GLU A 435 12.75 16.62 -23.18
CA GLU A 435 11.94 16.60 -21.95
C GLU A 435 10.87 17.68 -21.99
N LYS A 436 9.97 17.64 -21.02
CA LYS A 436 8.87 18.59 -20.96
C LYS A 436 9.08 19.63 -19.86
N VAL A 437 8.38 20.76 -19.99
CA VAL A 437 8.44 21.81 -18.98
C VAL A 437 7.05 22.42 -18.79
N GLY A 438 6.47 22.17 -17.62
CA GLY A 438 5.13 22.67 -17.32
C GLY A 438 4.10 21.56 -17.28
N GLU A 439 2.95 21.80 -17.88
CA GLU A 439 1.88 20.81 -17.91
C GLU A 439 2.10 19.84 -19.08
N ALA A 440 1.62 18.61 -18.92
CA ALA A 440 1.76 17.59 -19.94
C ALA A 440 0.93 17.92 -21.18
N THR A 441 -0.24 18.51 -20.96
CA THR A 441 -1.13 18.86 -22.05
C THR A 441 -0.56 19.97 -22.92
N GLU A 442 -0.09 21.04 -22.27
CA GLU A 442 0.42 22.20 -22.99
C GLU A 442 1.72 21.91 -23.71
N THR A 443 2.48 20.94 -23.21
CA THR A 443 3.74 20.56 -23.83
C THR A 443 3.50 19.85 -25.15
N ALA A 444 2.41 19.08 -25.20
CA ALA A 444 2.04 18.37 -26.43
C ALA A 444 1.64 19.37 -27.51
N LEU A 445 1.05 20.48 -27.11
CA LEU A 445 0.69 21.54 -28.03
C LEU A 445 1.94 22.21 -28.59
N THR A 446 2.95 22.35 -27.75
CA THR A 446 4.22 22.93 -28.18
C THR A 446 4.90 22.01 -29.18
N THR A 447 4.84 20.70 -28.91
CA THR A 447 5.41 19.70 -29.79
C THR A 447 4.68 19.66 -31.13
N LEU A 448 3.37 19.89 -31.08
CA LEU A 448 2.54 19.88 -32.29
C LEU A 448 2.95 21.00 -33.23
N VAL A 449 3.23 22.17 -32.67
CA VAL A 449 3.64 23.31 -33.48
C VAL A 449 4.97 23.04 -34.18
N GLU A 450 5.84 22.29 -33.50
CA GLU A 450 7.14 21.93 -34.06
C GLU A 450 7.00 20.92 -35.18
N LYS A 451 6.02 20.02 -35.05
CA LYS A 451 5.78 19.00 -36.06
C LYS A 451 5.16 19.61 -37.32
N MET A 452 4.21 20.52 -37.13
CA MET A 452 3.50 21.14 -38.24
C MET A 452 4.41 22.02 -39.09
N ASN A 453 5.07 22.98 -38.44
CA ASN A 453 5.92 23.93 -39.15
C ASN A 453 5.12 24.69 -40.20
N VAL A 454 4.15 25.48 -39.74
CA VAL A 454 3.21 26.14 -40.64
C VAL A 454 3.84 27.26 -41.44
N PHE A 455 5.02 27.72 -41.04
CA PHE A 455 5.70 28.80 -41.74
C PHE A 455 6.91 28.29 -42.53
N ASN A 456 7.13 26.97 -42.50
CA ASN A 456 8.19 26.35 -43.27
C ASN A 456 9.58 26.91 -42.96
N THR A 457 9.87 27.08 -41.67
CA THR A 457 11.18 27.56 -41.24
C THR A 457 12.23 26.49 -41.47
N GLU A 458 13.50 26.88 -41.44
CA GLU A 458 14.61 25.93 -41.60
C GLU A 458 14.53 24.84 -40.55
N VAL A 459 14.81 23.60 -40.96
CA VAL A 459 14.68 22.46 -40.07
C VAL A 459 15.94 21.63 -39.97
N ARG A 460 16.52 21.28 -41.13
CA ARG A 460 17.70 20.43 -41.16
C ARG A 460 18.96 21.20 -40.76
N ASN A 461 18.96 22.50 -41.07
CA ASN A 461 20.11 23.35 -40.73
C ASN A 461 20.19 23.60 -39.23
N LEU A 462 19.05 23.54 -38.55
CA LEU A 462 19.01 23.76 -37.11
C LEU A 462 19.61 22.57 -36.37
N SER A 463 20.14 22.84 -35.18
CA SER A 463 20.73 21.79 -34.36
C SER A 463 19.66 21.09 -33.51
N LYS A 464 20.10 20.19 -32.65
CA LYS A 464 19.19 19.42 -31.82
C LYS A 464 18.52 20.29 -30.76
N VAL A 465 19.32 21.04 -30.02
CA VAL A 465 18.83 21.89 -28.95
C VAL A 465 18.19 23.16 -29.48
N GLU A 466 18.76 23.70 -30.55
CA GLU A 466 18.32 24.97 -31.11
C GLU A 466 16.92 24.87 -31.71
N ARG A 467 16.59 23.70 -32.23
CA ARG A 467 15.30 23.53 -32.91
C ARG A 467 14.22 23.03 -31.96
N ALA A 468 14.57 22.88 -30.68
CA ALA A 468 13.64 22.40 -29.66
C ALA A 468 12.38 23.27 -29.62
N ASN A 469 12.57 24.58 -29.74
CA ASN A 469 11.44 25.51 -29.78
C ASN A 469 11.53 26.43 -30.99
N ALA A 470 11.72 25.82 -32.16
CA ALA A 470 11.92 26.57 -33.39
C ALA A 470 10.63 27.24 -33.88
N CYS A 471 9.68 26.42 -34.31
CA CYS A 471 8.43 26.92 -34.88
C CYS A 471 7.65 27.78 -33.89
N ASN A 472 7.70 27.41 -32.61
CA ASN A 472 7.01 28.16 -31.58
C ASN A 472 7.62 29.54 -31.38
N SER A 473 8.94 29.62 -31.40
CA SER A 473 9.64 30.90 -31.27
C SER A 473 9.35 31.81 -32.45
N VAL A 474 9.18 31.21 -33.63
CA VAL A 474 8.86 31.95 -34.83
C VAL A 474 7.46 32.55 -34.72
N ILE A 475 6.55 31.81 -34.08
CA ILE A 475 5.20 32.28 -33.87
C ILE A 475 5.17 33.46 -32.90
N ARG A 476 6.03 33.40 -31.88
CA ARG A 476 6.08 34.44 -30.86
C ARG A 476 6.59 35.76 -31.42
N GLN A 477 7.21 35.71 -32.60
CA GLN A 477 7.76 36.90 -33.22
C GLN A 477 6.68 37.75 -33.89
N LEU A 478 5.59 37.10 -34.28
CA LEU A 478 4.48 37.82 -34.92
C LEU A 478 3.65 38.61 -33.92
N MET A 479 3.17 37.94 -32.87
CA MET A 479 2.32 38.59 -31.88
C MET A 479 3.04 38.76 -30.55
N LYS A 480 2.71 39.83 -29.83
CA LYS A 480 3.28 40.06 -28.51
C LYS A 480 2.36 39.51 -27.43
N LYS A 481 2.92 38.75 -26.50
CA LYS A 481 2.15 38.15 -25.43
C LYS A 481 1.87 39.16 -24.31
N GLU A 482 0.77 39.90 -24.46
CA GLU A 482 0.39 40.91 -23.48
C GLU A 482 0.10 40.29 -22.11
N PHE A 483 -0.94 39.48 -22.04
CA PHE A 483 -1.31 38.82 -20.78
C PHE A 483 -2.22 37.62 -21.03
N THR A 484 -2.15 36.65 -20.14
CA THR A 484 -2.97 35.45 -20.26
C THR A 484 -4.06 35.41 -19.20
N LEU A 485 -5.22 34.87 -19.57
CA LEU A 485 -6.30 34.69 -18.62
C LEU A 485 -6.24 33.28 -18.05
N GLU A 486 -6.04 33.18 -16.73
CA GLU A 486 -5.80 31.91 -16.08
C GLU A 486 -6.89 30.88 -16.31
N PHE A 487 -6.52 29.60 -16.25
CA PHE A 487 -7.45 28.51 -16.44
C PHE A 487 -8.29 28.28 -15.18
N SER A 488 -9.60 28.48 -15.31
CA SER A 488 -10.52 28.26 -14.20
C SER A 488 -11.41 27.05 -14.46
N ARG A 489 -11.82 26.38 -13.38
CA ARG A 489 -12.62 25.16 -13.49
C ARG A 489 -14.10 25.46 -13.72
N ASP A 490 -14.46 26.75 -13.66
CA ASP A 490 -15.85 27.14 -13.84
C ASP A 490 -16.22 27.23 -15.32
N ARG A 491 -15.31 27.77 -16.12
CA ARG A 491 -15.54 27.88 -17.57
C ARG A 491 -14.70 26.87 -18.34
N LYS A 492 -13.62 26.40 -17.71
CA LYS A 492 -12.75 25.39 -18.31
C LYS A 492 -12.16 25.88 -19.64
N SER A 493 -11.26 26.84 -19.57
CA SER A 493 -10.61 27.36 -20.77
C SER A 493 -9.47 28.31 -20.44
N MET A 494 -8.69 28.66 -21.46
CA MET A 494 -7.57 29.59 -21.30
C MET A 494 -7.42 30.47 -22.53
N SER A 495 -7.31 31.77 -22.32
CA SER A 495 -7.14 32.72 -23.41
C SER A 495 -5.93 33.61 -23.17
N VAL A 496 -5.49 34.29 -24.22
CA VAL A 496 -4.34 35.18 -24.13
C VAL A 496 -4.51 36.41 -25.01
N TYR A 497 -4.38 37.59 -24.41
CA TYR A 497 -4.48 38.84 -25.15
C TYR A 497 -3.15 39.13 -25.85
N CYS A 498 -3.21 39.34 -27.16
CA CYS A 498 -1.98 39.53 -27.94
C CYS A 498 -2.05 40.75 -28.87
N SER A 499 -1.02 41.58 -28.80
CA SER A 499 -0.91 42.74 -29.68
C SER A 499 0.15 42.52 -30.74
N PRO A 500 -0.14 42.90 -31.99
CA PRO A 500 0.77 42.72 -33.11
C PRO A 500 2.08 43.50 -32.95
N ALA A 501 3.19 42.92 -33.36
CA ALA A 501 4.47 43.61 -33.33
C ALA A 501 4.57 44.55 -34.53
N LYS A 502 5.57 45.42 -34.50
CA LYS A 502 5.79 46.36 -35.60
C LYS A 502 6.25 45.63 -36.85
N SER A 503 5.30 45.00 -37.55
CA SER A 503 5.62 44.20 -38.71
C SER A 503 4.57 44.33 -39.82
N SER A 504 3.34 44.63 -39.42
CA SER A 504 2.23 44.74 -40.36
C SER A 504 1.94 43.41 -41.04
N ARG A 505 1.13 42.58 -40.39
CA ARG A 505 0.78 41.26 -40.92
C ARG A 505 -0.73 41.10 -41.05
N ALA A 506 -1.39 42.15 -41.52
CA ALA A 506 -2.84 42.16 -41.67
C ALA A 506 -3.53 41.93 -40.33
N ALA A 507 -2.89 42.38 -39.26
CA ALA A 507 -3.42 42.19 -37.91
C ALA A 507 -4.47 43.24 -37.57
N VAL A 508 -5.73 42.81 -37.54
CA VAL A 508 -6.84 43.70 -37.18
C VAL A 508 -6.82 44.01 -35.69
N GLY A 509 -5.98 44.95 -35.31
CA GLY A 509 -5.84 45.34 -33.91
C GLY A 509 -5.30 44.20 -33.07
N ASN A 510 -5.77 44.10 -31.83
CA ASN A 510 -5.35 43.04 -30.92
C ASN A 510 -6.27 41.83 -31.01
N LYS A 511 -5.76 40.66 -30.63
CA LYS A 511 -6.52 39.42 -30.74
C LYS A 511 -6.45 38.62 -29.45
N MET A 512 -7.41 37.71 -29.26
CA MET A 512 -7.40 36.80 -28.14
C MET A 512 -7.51 35.36 -28.64
N PHE A 513 -6.59 34.51 -28.20
CA PHE A 513 -6.56 33.12 -28.64
C PHE A 513 -6.95 32.19 -27.49
N VAL A 514 -8.11 31.55 -27.63
CA VAL A 514 -8.68 30.76 -26.54
C VAL A 514 -8.58 29.26 -26.79
N LYS A 515 -8.45 28.50 -25.70
CA LYS A 515 -8.45 27.05 -25.76
C LYS A 515 -9.07 26.49 -24.47
N GLY A 516 -9.77 25.37 -24.59
CA GLY A 516 -10.38 24.74 -23.43
C GLY A 516 -11.35 23.63 -23.77
N ALA A 517 -12.32 23.41 -22.89
CA ALA A 517 -13.32 22.37 -23.08
C ALA A 517 -14.15 22.63 -24.33
N PRO A 518 -14.17 21.66 -25.26
CA PRO A 518 -14.89 21.75 -26.53
C PRO A 518 -16.36 22.13 -26.35
N GLU A 519 -17.09 21.35 -25.56
CA GLU A 519 -18.53 21.57 -25.37
C GLU A 519 -18.83 22.95 -24.82
N GLY A 520 -17.86 23.54 -24.13
CA GLY A 520 -18.03 24.85 -23.52
C GLY A 520 -17.61 25.99 -24.42
N VAL A 521 -16.43 25.86 -25.02
CA VAL A 521 -15.88 26.92 -25.87
C VAL A 521 -16.68 27.09 -27.16
N ILE A 522 -17.16 25.97 -27.71
CA ILE A 522 -17.92 26.00 -28.95
C ILE A 522 -19.23 26.77 -28.79
N ASP A 523 -19.77 26.75 -27.58
CA ASP A 523 -21.00 27.48 -27.28
C ASP A 523 -20.76 28.98 -27.30
N ARG A 524 -19.55 29.39 -26.94
CA ARG A 524 -19.22 30.80 -26.91
C ARG A 524 -18.69 31.30 -28.26
N CYS A 525 -18.99 30.54 -29.31
CA CYS A 525 -18.57 30.90 -30.66
C CYS A 525 -19.76 31.34 -31.51
N ASN A 526 -19.80 32.63 -31.84
CA ASN A 526 -20.84 33.15 -32.70
C ASN A 526 -20.42 33.12 -34.16
N TYR A 527 -19.12 32.97 -34.39
CA TYR A 527 -18.57 32.94 -35.74
C TYR A 527 -17.77 31.66 -35.96
N VAL A 528 -17.43 31.40 -37.22
CA VAL A 528 -16.61 30.24 -37.56
C VAL A 528 -15.58 30.60 -38.62
N ARG A 529 -14.39 30.02 -38.51
CA ARG A 529 -13.30 30.34 -39.42
C ARG A 529 -13.21 29.32 -40.56
N VAL A 530 -13.02 29.81 -41.77
CA VAL A 530 -12.85 28.95 -42.94
C VAL A 530 -11.62 29.41 -43.72
N GLY A 531 -10.44 29.03 -43.24
CA GLY A 531 -9.20 29.49 -43.83
C GLY A 531 -8.89 30.91 -43.42
N THR A 532 -9.16 31.85 -44.32
CA THR A 532 -8.94 33.26 -44.02
C THR A 532 -10.28 33.97 -43.80
N THR A 533 -11.32 33.49 -44.45
CA THR A 533 -12.65 34.09 -44.37
C THR A 533 -13.35 33.71 -43.06
N ARG A 534 -14.50 34.34 -42.83
CA ARG A 534 -15.29 34.09 -41.62
C ARG A 534 -16.76 33.90 -41.97
N VAL A 535 -17.43 33.05 -41.20
CA VAL A 535 -18.86 32.81 -41.38
C VAL A 535 -19.57 32.67 -40.04
N PRO A 536 -20.89 32.91 -40.02
CA PRO A 536 -21.68 32.80 -38.80
C PRO A 536 -21.86 31.36 -38.34
N MET A 537 -21.68 31.13 -37.04
CA MET A 537 -21.85 29.79 -36.47
C MET A 537 -23.31 29.34 -36.52
N THR A 538 -23.61 28.47 -37.47
CA THR A 538 -24.95 27.94 -37.62
C THR A 538 -25.08 26.58 -36.92
N GLY A 539 -26.31 26.08 -36.83
CA GLY A 539 -26.60 24.82 -36.18
C GLY A 539 -25.87 23.62 -36.78
N PRO A 540 -26.06 23.39 -38.09
CA PRO A 540 -25.47 22.25 -38.81
C PRO A 540 -23.96 22.12 -38.59
N VAL A 541 -23.26 23.25 -38.53
CA VAL A 541 -21.81 23.24 -38.31
C VAL A 541 -21.49 22.87 -36.87
N LYS A 542 -22.27 23.42 -35.94
CA LYS A 542 -22.09 23.14 -34.53
C LYS A 542 -22.33 21.67 -34.23
N GLU A 543 -23.20 21.06 -35.02
CA GLU A 543 -23.46 19.62 -34.90
C GLU A 543 -22.29 18.81 -35.43
N LYS A 544 -21.77 19.21 -36.59
CA LYS A 544 -20.66 18.51 -37.22
C LYS A 544 -19.42 18.55 -36.35
N ILE A 545 -19.19 19.67 -35.68
CA ILE A 545 -18.03 19.82 -34.80
C ILE A 545 -18.16 18.94 -33.57
N LEU A 546 -19.24 19.12 -32.82
CA LEU A 546 -19.45 18.38 -31.58
C LEU A 546 -19.62 16.88 -31.83
N SER A 547 -20.09 16.51 -33.02
CA SER A 547 -20.24 15.12 -33.37
C SER A 547 -18.88 14.46 -33.53
N VAL A 548 -17.96 15.17 -34.14
CA VAL A 548 -16.60 14.69 -34.32
C VAL A 548 -15.86 14.70 -32.99
N ILE A 549 -16.20 15.65 -32.14
CA ILE A 549 -15.64 15.72 -30.79
C ILE A 549 -16.06 14.49 -29.99
N LYS A 550 -17.32 14.10 -30.15
CA LYS A 550 -17.86 12.94 -29.45
C LYS A 550 -17.32 11.64 -30.03
N GLU A 551 -17.08 11.64 -31.34
CA GLU A 551 -16.56 10.47 -32.03
C GLU A 551 -15.13 10.17 -31.61
N TRP A 552 -14.35 11.20 -31.32
CA TRP A 552 -12.96 11.03 -30.91
C TRP A 552 -12.86 10.64 -29.44
N GLY A 553 -13.72 11.23 -28.61
CA GLY A 553 -13.68 10.98 -27.18
C GLY A 553 -14.34 9.67 -26.78
N THR A 554 -15.43 9.33 -27.44
CA THR A 554 -16.17 8.11 -27.14
C THR A 554 -15.61 6.90 -27.89
N GLY A 555 -15.00 7.16 -29.04
CA GLY A 555 -14.46 6.10 -29.88
C GLY A 555 -13.29 5.37 -29.25
N ARG A 556 -12.75 4.40 -29.97
CA ARG A 556 -11.63 3.60 -29.48
C ARG A 556 -10.36 4.41 -29.35
N ASP A 557 -10.34 5.59 -29.99
CA ASP A 557 -9.18 6.46 -29.95
C ASP A 557 -8.94 6.98 -28.53
N THR A 558 -10.03 7.23 -27.81
CA THR A 558 -9.97 7.76 -26.45
C THR A 558 -9.10 9.02 -26.36
N LEU A 559 -9.46 10.03 -27.15
CA LEU A 559 -8.67 11.25 -27.23
C LEU A 559 -9.20 12.33 -26.30
N ARG A 560 -8.28 13.11 -25.75
CA ARG A 560 -8.64 14.27 -24.92
C ARG A 560 -8.76 15.51 -25.80
N CYS A 561 -9.96 15.73 -26.32
CA CYS A 561 -10.19 16.84 -27.25
C CYS A 561 -9.96 18.20 -26.61
N LEU A 562 -9.63 19.18 -27.44
CA LEU A 562 -9.37 20.54 -26.97
C LEU A 562 -9.73 21.55 -28.05
N ALA A 563 -10.86 22.23 -27.87
CA ALA A 563 -11.34 23.19 -28.86
C ALA A 563 -10.51 24.47 -28.86
N LEU A 564 -10.09 24.88 -30.06
CA LEU A 564 -9.30 26.10 -30.22
C LEU A 564 -10.11 27.19 -30.92
N ALA A 565 -10.32 28.31 -30.23
CA ALA A 565 -11.07 29.43 -30.78
C ALA A 565 -10.31 30.73 -30.63
N THR A 566 -10.74 31.75 -31.35
CA THR A 566 -10.09 33.06 -31.30
C THR A 566 -11.10 34.20 -31.29
N ARG A 567 -10.80 35.24 -30.52
CA ARG A 567 -11.64 36.43 -30.47
C ARG A 567 -11.10 37.48 -31.43
N ASP A 568 -11.88 37.80 -32.46
CA ASP A 568 -11.44 38.71 -33.51
C ASP A 568 -11.28 40.14 -33.00
N THR A 569 -12.36 40.68 -32.45
CA THR A 569 -12.36 42.05 -31.94
C THR A 569 -12.61 42.09 -30.44
N PRO A 570 -11.56 41.78 -29.65
CA PRO A 570 -11.66 41.81 -28.18
C PRO A 570 -11.71 43.24 -27.65
N PRO A 571 -12.17 43.41 -26.40
CA PRO A 571 -12.22 44.73 -25.77
C PRO A 571 -10.83 45.31 -25.58
N LYS A 572 -10.73 46.63 -25.46
CA LYS A 572 -9.44 47.30 -25.30
C LYS A 572 -8.80 46.97 -23.96
N ARG A 573 -7.50 47.23 -23.86
CA ARG A 573 -6.73 46.94 -22.66
C ARG A 573 -7.30 47.62 -21.43
N GLU A 574 -7.94 48.76 -21.62
CA GLU A 574 -8.47 49.55 -20.51
C GLU A 574 -9.78 48.96 -19.98
N GLU A 575 -10.66 48.55 -20.89
CA GLU A 575 -11.98 48.08 -20.52
C GLU A 575 -11.93 46.76 -19.75
N MET A 576 -10.87 45.99 -19.98
CA MET A 576 -10.74 44.68 -19.34
C MET A 576 -10.22 44.78 -17.92
N VAL A 577 -11.03 44.33 -16.97
CA VAL A 577 -10.60 44.26 -15.58
C VAL A 577 -9.68 43.04 -15.41
N LEU A 578 -8.39 43.30 -15.36
CA LEU A 578 -7.38 42.24 -15.42
C LEU A 578 -7.36 41.33 -14.19
N ASP A 579 -7.99 41.76 -13.11
CA ASP A 579 -7.94 41.00 -11.86
C ASP A 579 -9.17 40.10 -11.69
N ASP A 580 -10.32 40.58 -12.17
CA ASP A 580 -11.57 39.82 -12.07
C ASP A 580 -11.51 38.52 -12.85
N SER A 581 -11.47 37.40 -12.13
CA SER A 581 -11.40 36.08 -12.76
C SER A 581 -12.74 35.67 -13.35
N SER A 582 -13.82 36.12 -12.73
CA SER A 582 -15.16 35.80 -13.18
C SER A 582 -15.49 36.51 -14.49
N ARG A 583 -14.86 37.67 -14.69
CA ARG A 583 -15.10 38.45 -15.90
C ARG A 583 -14.37 37.88 -17.11
N PHE A 584 -13.47 36.94 -16.87
CA PHE A 584 -12.77 36.26 -17.96
C PHE A 584 -13.74 35.47 -18.82
N MET A 585 -14.92 35.22 -18.27
CA MET A 585 -15.97 34.50 -18.99
C MET A 585 -16.46 35.31 -20.18
N GLU A 586 -16.85 36.56 -19.94
CA GLU A 586 -17.37 37.42 -20.99
C GLU A 586 -16.24 37.96 -21.88
N TYR A 587 -15.03 37.95 -21.36
CA TYR A 587 -13.87 38.37 -22.14
C TYR A 587 -13.54 37.33 -23.20
N GLU A 588 -14.00 36.10 -22.97
CA GLU A 588 -13.77 35.00 -23.89
C GLU A 588 -15.05 34.62 -24.63
N THR A 589 -15.92 35.60 -24.85
CA THR A 589 -17.16 35.37 -25.59
C THR A 589 -17.05 35.97 -26.98
N ASP A 590 -18.06 35.70 -27.82
CA ASP A 590 -18.07 36.19 -29.19
C ASP A 590 -16.84 35.68 -29.94
N LEU A 591 -16.53 34.41 -29.75
CA LEU A 591 -15.34 33.81 -30.33
C LEU A 591 -15.58 33.32 -31.77
N THR A 592 -14.50 32.98 -32.44
CA THR A 592 -14.57 32.41 -33.79
C THR A 592 -13.88 31.05 -33.81
N PHE A 593 -14.62 30.01 -34.17
CA PHE A 593 -14.09 28.66 -34.16
C PHE A 593 -12.95 28.49 -35.16
N VAL A 594 -11.78 28.09 -34.66
CA VAL A 594 -10.61 27.89 -35.52
C VAL A 594 -10.43 26.41 -35.84
N GLY A 595 -10.31 25.59 -34.81
CA GLY A 595 -10.13 24.16 -34.99
C GLY A 595 -10.09 23.40 -33.67
N VAL A 596 -9.75 22.12 -33.75
CA VAL A 596 -9.68 21.27 -32.58
C VAL A 596 -8.49 20.32 -32.66
N VAL A 597 -7.91 20.00 -31.50
CA VAL A 597 -6.81 19.05 -31.43
C VAL A 597 -7.12 17.91 -30.46
N GLY A 598 -6.96 16.69 -30.94
CA GLY A 598 -7.21 15.52 -30.12
C GLY A 598 -5.93 14.81 -29.71
N MET A 599 -5.63 14.83 -28.41
CA MET A 599 -4.43 14.20 -27.89
C MET A 599 -4.76 12.94 -27.10
N LEU A 600 -3.77 12.07 -26.95
CA LEU A 600 -3.96 10.82 -26.23
C LEU A 600 -2.97 10.67 -25.07
N ASP A 601 -3.46 10.15 -23.96
CA ASP A 601 -2.62 9.77 -22.85
C ASP A 601 -2.47 8.26 -22.85
N PRO A 602 -1.52 7.75 -23.63
CA PRO A 602 -1.35 6.32 -23.92
C PRO A 602 -1.16 5.47 -22.66
N PRO A 603 -1.94 4.39 -22.55
CA PRO A 603 -1.88 3.45 -21.42
C PRO A 603 -0.51 2.80 -21.27
N ARG A 604 -0.27 2.17 -20.13
CA ARG A 604 0.97 1.46 -19.89
C ARG A 604 1.15 0.31 -20.87
N LYS A 605 2.37 -0.21 -20.95
CA LYS A 605 2.68 -1.27 -21.90
C LYS A 605 2.24 -2.63 -21.36
N GLU A 606 2.11 -2.72 -20.05
CA GLU A 606 1.83 -4.01 -19.41
C GLU A 606 0.43 -4.08 -18.81
N VAL A 607 -0.24 -2.93 -18.70
CA VAL A 607 -1.55 -2.86 -18.07
C VAL A 607 -2.61 -3.65 -18.86
N MET A 608 -2.37 -3.81 -20.15
CA MET A 608 -3.29 -4.55 -21.00
C MET A 608 -3.43 -6.01 -20.54
N GLY A 609 -2.32 -6.57 -20.10
CA GLY A 609 -2.31 -7.95 -19.63
C GLY A 609 -2.46 -8.05 -18.12
N SER A 610 -1.98 -7.02 -17.42
CA SER A 610 -2.06 -7.00 -15.96
C SER A 610 -3.50 -6.92 -15.49
N ILE A 611 -4.33 -6.23 -16.27
CA ILE A 611 -5.75 -6.13 -15.95
C ILE A 611 -6.43 -7.48 -16.16
N GLN A 612 -5.99 -8.19 -17.19
CA GLN A 612 -6.53 -9.52 -17.48
C GLN A 612 -6.14 -10.51 -16.38
N LEU A 613 -5.00 -10.28 -15.74
CA LEU A 613 -4.57 -11.12 -14.62
C LEU A 613 -5.53 -10.98 -13.45
N CYS A 614 -6.01 -9.75 -13.21
CA CYS A 614 -6.94 -9.49 -12.13
C CYS A 614 -8.29 -10.14 -12.41
N ARG A 615 -8.67 -10.21 -13.68
CA ARG A 615 -9.92 -10.82 -14.09
C ARG A 615 -9.91 -12.32 -13.78
N ASP A 616 -8.77 -12.96 -14.02
CA ASP A 616 -8.63 -14.39 -13.78
C ASP A 616 -8.39 -14.67 -12.29
N ALA A 617 -7.76 -13.72 -11.62
CA ALA A 617 -7.41 -13.89 -10.20
C ALA A 617 -8.57 -13.48 -9.30
N GLY A 618 -9.68 -13.08 -9.89
CA GLY A 618 -10.86 -12.71 -9.14
C GLY A 618 -10.74 -11.38 -8.43
N ILE A 619 -9.73 -10.60 -8.78
CA ILE A 619 -9.53 -9.30 -8.18
C ILE A 619 -10.23 -8.21 -8.99
N ARG A 620 -11.02 -7.38 -8.30
CA ARG A 620 -11.72 -6.30 -8.98
C ARG A 620 -10.83 -5.07 -9.10
N VAL A 621 -10.95 -4.37 -10.22
CA VAL A 621 -10.15 -3.17 -10.46
C VAL A 621 -11.04 -1.95 -10.69
N ILE A 622 -10.83 -0.90 -9.91
CA ILE A 622 -11.63 0.30 -10.00
C ILE A 622 -10.79 1.51 -10.39
N MET A 623 -11.02 2.03 -11.60
CA MET A 623 -10.28 3.18 -12.08
C MET A 623 -10.84 4.49 -11.53
N ILE A 624 -9.95 5.38 -11.11
CA ILE A 624 -10.33 6.72 -10.70
C ILE A 624 -9.57 7.74 -11.54
N THR A 625 -10.32 8.61 -12.22
CA THR A 625 -9.72 9.55 -13.16
C THR A 625 -10.32 10.95 -13.07
N GLY A 626 -9.71 11.89 -13.79
CA GLY A 626 -10.18 13.26 -13.84
C GLY A 626 -10.85 13.59 -15.16
N ASP A 627 -10.79 12.64 -16.10
CA ASP A 627 -11.43 12.81 -17.39
C ASP A 627 -12.95 12.72 -17.25
N ASN A 628 -13.65 13.13 -18.30
CA ASN A 628 -15.12 13.07 -18.30
C ASN A 628 -15.60 11.63 -18.30
N LYS A 629 -16.86 11.42 -17.93
CA LYS A 629 -17.43 10.09 -17.81
C LYS A 629 -17.41 9.33 -19.13
N GLY A 630 -17.74 10.03 -20.21
CA GLY A 630 -17.77 9.43 -21.54
C GLY A 630 -16.42 8.87 -21.97
N THR A 631 -15.38 9.68 -21.78
CA THR A 631 -14.03 9.27 -22.14
C THR A 631 -13.45 8.29 -21.13
N ALA A 632 -13.75 8.51 -19.86
CA ALA A 632 -13.29 7.63 -18.79
C ALA A 632 -13.80 6.21 -19.00
N ILE A 633 -15.05 6.11 -19.45
CA ILE A 633 -15.64 4.80 -19.75
C ILE A 633 -14.96 4.20 -20.98
N ALA A 634 -14.70 5.02 -21.98
CA ALA A 634 -14.04 4.58 -23.20
C ALA A 634 -12.62 4.11 -22.91
N ILE A 635 -11.96 4.79 -21.98
CA ILE A 635 -10.60 4.41 -21.59
C ILE A 635 -10.61 3.08 -20.86
N CYS A 636 -11.64 2.86 -20.04
CA CYS A 636 -11.79 1.60 -19.33
C CYS A 636 -12.06 0.45 -20.30
N ARG A 637 -12.81 0.74 -21.35
CA ARG A 637 -13.11 -0.26 -22.37
C ARG A 637 -11.83 -0.65 -23.12
N ARG A 638 -10.95 0.32 -23.30
CA ARG A 638 -9.73 0.12 -24.06
C ARG A 638 -8.69 -0.68 -23.30
N ILE A 639 -8.52 -0.39 -22.01
CA ILE A 639 -7.50 -1.06 -21.21
C ILE A 639 -7.93 -2.46 -20.81
N GLY A 640 -9.21 -2.64 -20.49
CA GLY A 640 -9.72 -3.96 -20.18
C GLY A 640 -10.68 -4.06 -19.01
N ILE A 641 -10.84 -2.96 -18.28
CA ILE A 641 -11.77 -2.94 -17.15
C ILE A 641 -13.20 -3.20 -17.63
N PHE A 642 -13.54 -2.63 -18.78
CA PHE A 642 -14.83 -2.88 -19.41
C PHE A 642 -14.64 -3.63 -20.72
N GLY A 643 -15.68 -4.35 -21.14
CA GLY A 643 -15.66 -5.02 -22.42
C GLY A 643 -15.87 -4.00 -23.54
N GLU A 644 -15.58 -4.40 -24.78
CA GLU A 644 -15.77 -3.50 -25.90
C GLU A 644 -17.24 -3.19 -26.11
N ASN A 645 -18.10 -4.16 -25.83
CA ASN A 645 -19.54 -4.00 -26.00
C ASN A 645 -20.34 -4.61 -24.85
N GLU A 646 -20.47 -3.87 -23.76
CA GLU A 646 -21.27 -4.30 -22.62
C GLU A 646 -21.86 -3.10 -21.87
N GLU A 647 -22.75 -3.39 -20.92
CA GLU A 647 -23.40 -2.34 -20.14
C GLU A 647 -22.49 -1.78 -19.06
N VAL A 648 -22.47 -0.46 -18.94
CA VAL A 648 -21.66 0.21 -17.93
C VAL A 648 -22.38 1.46 -17.41
N ALA A 649 -23.69 1.49 -17.59
CA ALA A 649 -24.49 2.65 -17.17
C ALA A 649 -24.51 2.78 -15.65
N ASP A 650 -24.59 1.67 -14.95
CA ASP A 650 -24.65 1.67 -13.50
C ASP A 650 -23.35 1.18 -12.88
N ARG A 651 -22.33 0.97 -13.73
CA ARG A 651 -21.03 0.51 -13.27
C ARG A 651 -20.00 1.62 -13.33
N ALA A 652 -20.43 2.81 -13.75
CA ALA A 652 -19.56 3.97 -13.82
C ALA A 652 -20.28 5.20 -13.29
N TYR A 653 -19.57 6.01 -12.51
CA TYR A 653 -20.16 7.19 -11.91
C TYR A 653 -19.23 8.40 -11.95
N THR A 654 -19.82 9.58 -11.85
CA THR A 654 -19.05 10.82 -11.71
C THR A 654 -19.07 11.26 -10.25
N GLY A 655 -18.29 12.28 -9.92
CA GLY A 655 -18.29 12.84 -8.58
C GLY A 655 -19.59 13.57 -8.31
N ARG A 656 -20.17 14.11 -9.38
CA ARG A 656 -21.43 14.86 -9.28
C ARG A 656 -22.60 13.91 -9.01
N GLU A 657 -22.62 12.78 -9.70
CA GLU A 657 -23.69 11.81 -9.56
C GLU A 657 -23.67 11.12 -8.20
N PHE A 658 -22.49 10.69 -7.79
CA PHE A 658 -22.31 9.92 -6.56
C PHE A 658 -22.79 10.69 -5.33
N ASP A 659 -22.65 12.01 -5.36
CA ASP A 659 -23.06 12.85 -4.24
C ASP A 659 -24.58 12.96 -4.15
N ASP A 660 -25.24 13.08 -5.30
CA ASP A 660 -26.68 13.24 -5.36
C ASP A 660 -27.42 11.99 -4.87
N LEU A 661 -26.77 10.84 -4.99
CA LEU A 661 -27.37 9.58 -4.56
C LEU A 661 -27.35 9.47 -3.04
N PRO A 662 -28.35 8.78 -2.48
CA PRO A 662 -28.45 8.59 -1.03
C PRO A 662 -27.32 7.72 -0.48
N LEU A 663 -27.21 7.65 0.84
CA LEU A 663 -26.13 6.92 1.50
C LEU A 663 -26.17 5.43 1.16
N ALA A 664 -27.37 4.87 1.08
CA ALA A 664 -27.53 3.44 0.82
C ALA A 664 -27.16 3.10 -0.63
N GLU A 665 -27.55 3.96 -1.56
CA GLU A 665 -27.29 3.73 -2.97
C GLU A 665 -25.82 3.96 -3.30
N GLN A 666 -25.15 4.77 -2.49
CA GLN A 666 -23.71 4.97 -2.65
C GLN A 666 -22.96 3.68 -2.32
N ARG A 667 -23.41 3.01 -1.26
CA ARG A 667 -22.85 1.72 -0.87
C ARG A 667 -23.20 0.66 -1.91
N GLU A 668 -24.42 0.75 -2.43
CA GLU A 668 -24.90 -0.16 -3.47
C GLU A 668 -24.13 0.05 -4.76
N ALA A 669 -23.63 1.27 -4.95
CA ALA A 669 -22.88 1.62 -6.15
C ALA A 669 -21.44 1.13 -6.07
N CYS A 670 -20.85 1.21 -4.89
CA CYS A 670 -19.45 0.84 -4.71
C CYS A 670 -19.20 -0.66 -4.85
N ARG A 671 -20.26 -1.45 -4.70
CA ARG A 671 -20.10 -2.91 -4.76
C ARG A 671 -20.06 -3.41 -6.19
N ARG A 672 -20.51 -2.59 -7.13
CA ARG A 672 -20.57 -3.01 -8.53
C ARG A 672 -19.77 -2.08 -9.45
N ALA A 673 -19.67 -0.81 -9.08
CA ALA A 673 -18.98 0.18 -9.89
C ALA A 673 -17.48 -0.10 -9.94
N CYS A 674 -16.82 0.39 -10.98
CA CYS A 674 -15.38 0.21 -11.15
C CYS A 674 -14.80 1.28 -12.05
N CYS A 675 -15.36 2.48 -11.98
CA CYS A 675 -14.90 3.60 -12.78
C CYS A 675 -15.50 4.91 -12.29
N PHE A 676 -14.70 5.69 -11.57
CA PHE A 676 -15.15 6.97 -11.03
C PHE A 676 -14.44 8.14 -11.71
N ALA A 677 -15.22 9.09 -12.22
CA ALA A 677 -14.67 10.25 -12.91
C ALA A 677 -15.01 11.54 -12.18
N ARG A 678 -14.12 12.51 -12.26
CA ARG A 678 -14.31 13.81 -11.61
C ARG A 678 -14.50 13.63 -10.11
N VAL A 679 -13.65 12.79 -9.51
CA VAL A 679 -13.77 12.43 -8.10
C VAL A 679 -13.41 13.57 -7.15
N GLU A 680 -14.25 13.78 -6.15
CA GLU A 680 -14.00 14.80 -5.13
C GLU A 680 -12.91 14.32 -4.16
N PRO A 681 -12.34 15.24 -3.37
CA PRO A 681 -11.24 14.91 -2.47
C PRO A 681 -11.63 13.89 -1.39
N SER A 682 -12.89 13.91 -0.97
CA SER A 682 -13.35 13.05 0.12
C SER A 682 -13.93 11.73 -0.37
N HIS A 683 -13.98 11.55 -1.69
CA HIS A 683 -14.62 10.38 -2.28
C HIS A 683 -13.77 9.11 -2.14
N LYS A 684 -12.45 9.26 -2.21
CA LYS A 684 -11.55 8.10 -2.11
C LYS A 684 -11.73 7.37 -0.78
N SER A 685 -11.87 8.14 0.30
CA SER A 685 -12.05 7.55 1.63
C SER A 685 -13.47 7.01 1.79
N LYS A 686 -14.45 7.71 1.23
CA LYS A 686 -15.83 7.26 1.27
C LYS A 686 -15.98 5.91 0.59
N ILE A 687 -15.42 5.81 -0.62
CA ILE A 687 -15.50 4.58 -1.40
C ILE A 687 -14.89 3.40 -0.63
N VAL A 688 -13.75 3.65 0.00
CA VAL A 688 -13.06 2.62 0.76
C VAL A 688 -13.93 2.12 1.93
N GLU A 689 -14.66 3.05 2.55
CA GLU A 689 -15.55 2.68 3.65
C GLU A 689 -16.64 1.73 3.17
N TYR A 690 -17.11 1.92 1.94
CA TYR A 690 -18.16 1.08 1.38
C TYR A 690 -17.59 -0.28 0.94
N LEU A 691 -16.33 -0.28 0.52
CA LEU A 691 -15.66 -1.53 0.15
C LEU A 691 -15.38 -2.36 1.39
N GLN A 692 -15.05 -1.69 2.49
CA GLN A 692 -14.74 -2.38 3.73
C GLN A 692 -16.00 -2.97 4.38
N SER A 693 -17.16 -2.42 4.02
CA SER A 693 -18.43 -2.91 4.56
C SER A 693 -18.78 -4.26 3.96
N TYR A 694 -18.17 -4.58 2.83
CA TYR A 694 -18.37 -5.87 2.17
C TYR A 694 -17.24 -6.83 2.52
N ASP A 695 -16.41 -6.43 3.47
CA ASP A 695 -15.28 -7.25 3.91
C ASP A 695 -14.30 -7.51 2.78
N GLU A 696 -14.19 -6.56 1.85
CA GLU A 696 -13.26 -6.66 0.74
C GLU A 696 -11.95 -5.95 1.05
N ILE A 697 -10.84 -6.68 0.98
CA ILE A 697 -9.53 -6.10 1.18
C ILE A 697 -9.19 -5.16 0.02
N THR A 698 -9.28 -3.87 0.27
CA THR A 698 -9.12 -2.87 -0.79
C THR A 698 -7.71 -2.31 -0.85
N ALA A 699 -7.34 -1.79 -2.02
CA ALA A 699 -6.04 -1.17 -2.21
C ALA A 699 -6.15 0.16 -2.94
N MET A 700 -6.36 1.22 -2.18
CA MET A 700 -6.49 2.57 -2.75
C MET A 700 -5.11 3.19 -2.99
N THR A 701 -5.02 4.04 -4.00
CA THR A 701 -3.76 4.69 -4.34
C THR A 701 -3.85 6.22 -4.23
N GLY A 702 -2.69 6.86 -4.18
CA GLY A 702 -2.61 8.30 -4.07
C GLY A 702 -1.19 8.82 -4.25
N ASP A 703 -1.03 10.13 -4.22
CA ASP A 703 0.30 10.74 -4.39
C ASP A 703 0.55 11.88 -3.42
N GLY A 704 -0.51 12.62 -3.08
CA GLY A 704 -0.38 13.77 -2.20
C GLY A 704 -0.95 13.52 -0.81
N VAL A 705 -1.07 14.58 -0.02
CA VAL A 705 -1.61 14.47 1.33
C VAL A 705 -3.13 14.45 1.29
N ASN A 706 -3.69 14.85 0.15
CA ASN A 706 -5.14 14.81 -0.05
C ASN A 706 -5.66 13.38 -0.07
N ASP A 707 -4.76 12.44 -0.38
CA ASP A 707 -5.13 11.04 -0.47
C ASP A 707 -4.71 10.28 0.79
N ALA A 708 -3.87 10.92 1.60
CA ALA A 708 -3.34 10.31 2.82
C ALA A 708 -4.42 9.68 3.70
N PRO A 709 -5.52 10.41 3.95
CA PRO A 709 -6.64 9.86 4.72
C PRO A 709 -7.21 8.58 4.11
N ALA A 710 -7.30 8.55 2.79
CA ALA A 710 -7.84 7.38 2.08
C ALA A 710 -6.84 6.23 2.08
N LEU A 711 -5.56 6.54 1.93
CA LEU A 711 -4.51 5.52 1.91
C LEU A 711 -4.42 4.77 3.23
N LYS A 712 -4.34 5.52 4.32
CA LYS A 712 -4.18 4.92 5.65
C LYS A 712 -5.42 4.14 6.06
N LYS A 713 -6.59 4.58 5.61
CA LYS A 713 -7.84 3.91 5.96
C LYS A 713 -7.97 2.59 5.21
N ALA A 714 -7.38 2.52 4.02
CA ALA A 714 -7.45 1.31 3.20
C ALA A 714 -6.57 0.21 3.78
N GLU A 715 -6.88 -1.04 3.43
CA GLU A 715 -6.08 -2.17 3.87
C GLU A 715 -4.67 -2.08 3.29
N ILE A 716 -4.58 -1.88 1.98
CA ILE A 716 -3.30 -1.77 1.31
C ILE A 716 -3.11 -0.37 0.74
N GLY A 717 -2.47 0.50 1.52
CA GLY A 717 -2.20 1.85 1.07
C GLY A 717 -1.14 1.89 -0.02
N ILE A 718 -1.57 2.21 -1.24
CA ILE A 718 -0.66 2.25 -2.38
C ILE A 718 -0.21 3.68 -2.67
N ALA A 719 1.09 3.90 -2.63
CA ALA A 719 1.65 5.22 -2.91
C ALA A 719 2.61 5.16 -4.09
N MET A 720 2.84 6.30 -4.73
CA MET A 720 3.76 6.37 -5.86
C MET A 720 5.18 6.68 -5.39
N GLY A 721 6.16 6.19 -6.13
CA GLY A 721 7.55 6.44 -5.80
C GLY A 721 7.88 7.92 -5.97
N SER A 722 7.13 8.59 -6.83
CA SER A 722 7.33 10.00 -7.09
C SER A 722 6.43 10.86 -6.22
N GLY A 723 5.55 10.20 -5.45
CA GLY A 723 4.63 10.89 -4.57
C GLY A 723 5.33 11.52 -3.38
N THR A 724 4.58 12.31 -2.61
CA THR A 724 5.13 12.99 -1.45
C THR A 724 5.45 11.99 -0.34
N ALA A 725 6.28 12.42 0.61
CA ALA A 725 6.69 11.56 1.71
C ALA A 725 5.51 11.18 2.60
N VAL A 726 4.56 12.11 2.73
CA VAL A 726 3.37 11.86 3.53
C VAL A 726 2.56 10.70 2.98
N ALA A 727 2.50 10.61 1.65
CA ALA A 727 1.78 9.53 0.99
C ALA A 727 2.52 8.21 1.15
N LYS A 728 3.85 8.27 1.09
CA LYS A 728 4.68 7.08 1.20
C LYS A 728 4.81 6.62 2.64
N THR A 729 4.64 7.55 3.58
CA THR A 729 4.67 7.21 5.00
C THR A 729 3.32 6.65 5.46
N ALA A 730 2.26 7.06 4.78
CA ALA A 730 0.92 6.60 5.12
C ALA A 730 0.57 5.32 4.37
N SER A 731 1.29 5.06 3.30
CA SER A 731 1.03 3.89 2.47
C SER A 731 1.69 2.64 3.04
N GLU A 732 1.11 1.49 2.72
CA GLU A 732 1.68 0.20 3.13
C GLU A 732 2.68 -0.28 2.09
N MET A 733 2.45 0.10 0.83
CA MET A 733 3.35 -0.25 -0.26
C MET A 733 3.62 0.96 -1.15
N VAL A 734 4.85 1.07 -1.63
CA VAL A 734 5.24 2.18 -2.49
C VAL A 734 5.74 1.68 -3.84
N LEU A 735 4.99 1.99 -4.90
CA LEU A 735 5.38 1.60 -6.25
C LEU A 735 6.61 2.37 -6.70
N ALA A 736 7.67 1.64 -7.02
CA ALA A 736 8.94 2.25 -7.41
C ALA A 736 8.88 2.87 -8.80
N ASP A 737 8.13 2.25 -9.69
CA ASP A 737 8.07 2.70 -11.08
C ASP A 737 6.73 3.35 -11.42
N ASP A 738 5.86 3.45 -10.42
CA ASP A 738 4.53 4.03 -10.63
C ASP A 738 3.76 3.28 -11.71
N ASN A 739 3.49 2.01 -11.48
CA ASN A 739 2.81 1.19 -12.48
C ASN A 739 1.76 0.29 -11.86
N PHE A 740 0.63 0.15 -12.55
CA PHE A 740 -0.45 -0.73 -12.10
C PHE A 740 -0.04 -2.19 -12.22
N SER A 741 0.90 -2.47 -13.13
CA SER A 741 1.37 -3.82 -13.34
C SER A 741 2.20 -4.31 -12.17
N THR A 742 3.05 -3.44 -11.64
CA THR A 742 3.85 -3.77 -10.47
C THR A 742 2.99 -3.87 -9.24
N ILE A 743 1.78 -3.30 -9.32
CA ILE A 743 0.80 -3.44 -8.25
C ILE A 743 0.30 -4.88 -8.19
N VAL A 744 0.00 -5.43 -9.37
CA VAL A 744 -0.47 -6.81 -9.48
C VAL A 744 0.69 -7.79 -9.31
N ALA A 745 1.87 -7.37 -9.73
CA ALA A 745 3.07 -8.19 -9.62
C ALA A 745 3.37 -8.51 -8.16
N ALA A 746 3.14 -7.53 -7.29
CA ALA A 746 3.35 -7.69 -5.86
C ALA A 746 2.23 -8.54 -5.26
N VAL A 747 1.02 -8.37 -5.78
CA VAL A 747 -0.13 -9.13 -5.32
C VAL A 747 0.05 -10.63 -5.62
N GLU A 748 0.61 -10.91 -6.79
CA GLU A 748 0.87 -12.30 -7.18
C GLU A 748 1.90 -12.94 -6.28
N GLU A 749 2.92 -12.15 -5.89
CA GLU A 749 3.97 -12.64 -5.01
C GLU A 749 3.43 -12.85 -3.60
N GLY A 750 2.52 -11.97 -3.18
CA GLY A 750 1.92 -12.06 -1.87
C GLY A 750 1.14 -13.35 -1.67
N ARG A 751 0.50 -13.81 -2.74
CA ARG A 751 -0.25 -15.06 -2.68
C ARG A 751 0.69 -16.25 -2.56
N ALA A 752 1.81 -16.20 -3.27
CA ALA A 752 2.80 -17.27 -3.23
C ALA A 752 3.39 -17.42 -1.84
N ILE A 753 3.62 -16.29 -1.16
CA ILE A 753 4.11 -16.32 0.20
C ILE A 753 3.07 -16.92 1.15
N TYR A 754 1.80 -16.62 0.89
CA TYR A 754 0.71 -17.14 1.70
C TYR A 754 0.68 -18.65 1.69
N ASN A 755 0.96 -19.24 0.53
CA ASN A 755 0.98 -20.69 0.38
C ASN A 755 2.16 -21.32 1.11
N ASN A 756 3.35 -20.82 0.83
CA ASN A 756 4.56 -21.34 1.46
C ASN A 756 4.60 -21.07 2.96
N MET A 757 4.06 -19.93 3.36
CA MET A 757 4.02 -19.57 4.77
C MET A 757 3.07 -20.48 5.55
N LYS A 758 1.87 -20.64 5.00
CA LYS A 758 0.85 -21.48 5.63
C LYS A 758 1.28 -22.95 5.62
N GLN A 759 2.26 -23.27 4.78
CA GLN A 759 2.74 -24.65 4.67
C GLN A 759 3.60 -25.03 5.87
N PHE A 760 4.52 -24.15 6.26
CA PHE A 760 5.38 -24.46 7.40
C PHE A 760 4.67 -24.19 8.72
N ILE A 761 3.50 -23.56 8.64
CA ILE A 761 2.67 -23.37 9.82
C ILE A 761 2.04 -24.69 10.24
N ARG A 762 1.47 -25.39 9.26
CA ARG A 762 0.88 -26.70 9.51
C ARG A 762 1.97 -27.73 9.77
N TYR A 763 3.19 -27.42 9.33
CA TYR A 763 4.34 -28.29 9.56
C TYR A 763 4.81 -28.21 11.00
N LEU A 764 4.91 -26.99 11.53
CA LEU A 764 5.38 -26.78 12.89
C LEU A 764 4.35 -27.22 13.92
N ILE A 765 3.08 -26.89 13.68
CA ILE A 765 2.02 -27.27 14.60
C ILE A 765 1.84 -28.79 14.61
N SER A 766 2.07 -29.42 13.46
CA SER A 766 2.00 -30.87 13.35
C SER A 766 3.09 -31.50 14.23
N SER A 767 4.20 -30.80 14.35
CA SER A 767 5.30 -31.23 15.20
C SER A 767 4.91 -31.10 16.67
N ASN A 768 4.34 -29.95 17.01
CA ASN A 768 3.92 -29.68 18.37
C ASN A 768 2.76 -30.56 18.81
N VAL A 769 1.91 -30.95 17.86
CA VAL A 769 0.79 -31.84 18.15
C VAL A 769 1.28 -33.20 18.61
N GLY A 770 2.30 -33.73 17.93
CA GLY A 770 2.88 -35.00 18.28
C GLY A 770 3.65 -34.95 19.59
N GLU A 771 4.18 -33.77 19.91
CA GLU A 771 4.92 -33.58 21.15
C GLU A 771 3.98 -33.65 22.35
N VAL A 772 2.74 -33.19 22.15
CA VAL A 772 1.73 -33.27 23.20
C VAL A 772 1.27 -34.71 23.39
N VAL A 773 1.15 -35.45 22.29
CA VAL A 773 0.76 -36.84 22.34
C VAL A 773 1.81 -37.67 23.05
N CYS A 774 3.07 -37.28 22.89
CA CYS A 774 4.18 -37.96 23.56
C CYS A 774 4.12 -37.75 25.06
N ILE A 775 3.68 -36.56 25.47
CA ILE A 775 3.59 -36.21 26.88
C ILE A 775 2.35 -36.82 27.53
N PHE A 776 1.25 -36.87 26.76
CA PHE A 776 -0.01 -37.39 27.28
C PHE A 776 0.05 -38.91 27.42
N LEU A 777 0.78 -39.56 26.53
CA LEU A 777 0.93 -41.02 26.58
C LEU A 777 1.91 -41.43 27.67
N THR A 778 2.99 -40.67 27.82
CA THR A 778 4.03 -40.99 28.80
C THR A 778 3.59 -40.60 30.21
N ALA A 779 2.48 -39.88 30.31
CA ALA A 779 1.98 -39.43 31.60
C ALA A 779 0.76 -40.24 32.04
N ALA A 780 -0.11 -40.54 31.09
CA ALA A 780 -1.34 -41.30 31.39
C ALA A 780 -1.02 -42.73 31.79
N LEU A 781 -0.08 -43.35 31.09
CA LEU A 781 0.32 -44.72 31.38
C LEU A 781 1.31 -44.77 32.54
N GLY A 782 1.86 -43.63 32.89
CA GLY A 782 2.81 -43.53 33.98
C GLY A 782 4.17 -44.09 33.62
N LEU A 783 4.65 -43.75 32.43
CA LEU A 783 5.94 -44.23 31.96
C LEU A 783 7.05 -43.25 32.33
N PRO A 784 8.31 -43.71 32.28
CA PRO A 784 9.45 -42.81 32.46
C PRO A 784 9.42 -41.69 31.43
N GLU A 785 9.57 -40.45 31.88
CA GLU A 785 9.44 -39.27 31.03
C GLU A 785 10.15 -39.43 29.69
N ALA A 786 9.35 -39.44 28.62
CA ALA A 786 9.86 -39.67 27.27
C ALA A 786 10.71 -38.50 26.79
N LEU A 787 10.27 -37.28 27.07
CA LEU A 787 10.98 -36.09 26.62
C LEU A 787 11.02 -35.00 27.68
N ILE A 788 12.00 -34.12 27.57
CA ILE A 788 12.16 -33.01 28.49
C ILE A 788 11.98 -31.67 27.79
N PRO A 789 11.42 -30.68 28.50
CA PRO A 789 11.13 -29.35 27.94
C PRO A 789 12.37 -28.65 27.40
N VAL A 790 13.51 -28.84 28.05
CA VAL A 790 14.77 -28.25 27.62
C VAL A 790 15.16 -28.78 26.24
N GLN A 791 14.67 -29.97 25.92
CA GLN A 791 14.93 -30.60 24.63
C GLN A 791 13.96 -30.09 23.57
N LEU A 792 12.68 -30.07 23.90
CA LEU A 792 11.63 -29.68 22.98
C LEU A 792 11.82 -28.27 22.42
N LEU A 793 12.26 -27.35 23.28
CA LEU A 793 12.49 -25.97 22.88
C LEU A 793 13.57 -25.89 21.80
N TRP A 794 14.64 -26.64 21.98
CA TRP A 794 15.72 -26.66 21.00
C TRP A 794 15.28 -27.39 19.74
N VAL A 795 14.29 -28.27 19.88
CA VAL A 795 13.75 -29.00 18.75
C VAL A 795 12.85 -28.10 17.91
N ASN A 796 12.05 -27.28 18.58
CA ASN A 796 11.13 -26.37 17.90
C ASN A 796 11.85 -25.15 17.34
N LEU A 797 12.88 -24.69 18.05
CA LEU A 797 13.64 -23.51 17.65
C LEU A 797 14.59 -23.81 16.49
N VAL A 798 15.48 -24.77 16.69
CA VAL A 798 16.54 -25.02 15.73
C VAL A 798 16.22 -26.19 14.81
N THR A 799 15.89 -27.34 15.40
CA THR A 799 15.65 -28.56 14.64
C THR A 799 14.49 -28.40 13.65
N ASP A 800 13.42 -27.76 14.11
CA ASP A 800 12.25 -27.54 13.27
C ASP A 800 12.29 -26.17 12.61
N GLY A 801 13.09 -25.27 13.18
CA GLY A 801 13.18 -23.91 12.69
C GLY A 801 13.89 -23.78 11.35
N LEU A 802 15.06 -24.40 11.25
CA LEU A 802 15.86 -24.34 10.03
C LEU A 802 15.11 -24.86 8.81
N PRO A 803 14.53 -26.06 8.90
CA PRO A 803 13.78 -26.61 7.76
C PRO A 803 12.50 -25.85 7.47
N ALA A 804 11.83 -25.37 8.52
CA ALA A 804 10.59 -24.63 8.36
C ALA A 804 10.82 -23.32 7.61
N THR A 805 11.91 -22.64 7.94
CA THR A 805 12.25 -21.39 7.27
C THR A 805 12.69 -21.65 5.84
N ALA A 806 13.25 -22.84 5.61
CA ALA A 806 13.71 -23.23 4.28
C ALA A 806 12.53 -23.58 3.37
N LEU A 807 11.37 -23.81 3.97
CA LEU A 807 10.17 -24.12 3.22
C LEU A 807 9.61 -22.89 2.53
N GLY A 808 10.17 -21.73 2.85
CA GLY A 808 9.75 -20.48 2.25
C GLY A 808 10.23 -20.34 0.83
N PHE A 809 11.24 -21.13 0.47
CA PHE A 809 11.81 -21.10 -0.87
C PHE A 809 11.20 -22.16 -1.77
N ASN A 810 10.07 -22.71 -1.35
CA ASN A 810 9.35 -23.71 -2.14
C ASN A 810 8.84 -23.13 -3.46
N PRO A 811 8.81 -23.96 -4.51
CA PRO A 811 8.30 -23.56 -5.82
C PRO A 811 6.84 -23.13 -5.77
N PRO A 812 6.49 -22.08 -6.53
CA PRO A 812 5.11 -21.56 -6.54
C PRO A 812 4.18 -22.45 -7.37
N ASP A 813 2.91 -22.05 -7.44
CA ASP A 813 1.92 -22.78 -8.22
C ASP A 813 1.68 -22.11 -9.56
N LEU A 814 1.60 -22.91 -10.63
CA LEU A 814 1.36 -22.38 -11.96
C LEU A 814 -0.08 -21.91 -12.13
N ASP A 815 -0.96 -22.37 -11.24
CA ASP A 815 -2.36 -21.98 -11.30
C ASP A 815 -2.75 -21.20 -10.05
N ILE A 816 -1.90 -20.25 -9.66
CA ILE A 816 -2.14 -19.46 -8.47
C ILE A 816 -2.97 -18.22 -8.80
N MET A 817 -2.81 -17.70 -10.02
CA MET A 817 -3.55 -16.52 -10.46
C MET A 817 -4.90 -16.90 -11.05
N ASP A 818 -5.25 -18.18 -10.99
CA ASP A 818 -6.52 -18.65 -11.52
C ASP A 818 -7.60 -18.67 -10.44
N ARG A 819 -7.18 -18.94 -9.20
CA ARG A 819 -8.09 -18.94 -8.07
C ARG A 819 -8.38 -17.53 -7.59
N PRO A 820 -9.56 -17.32 -7.00
CA PRO A 820 -9.95 -16.01 -6.47
C PRO A 820 -9.17 -15.65 -5.20
N PRO A 821 -9.32 -14.40 -4.73
CA PRO A 821 -8.64 -13.95 -3.50
C PRO A 821 -9.02 -14.78 -2.29
N ARG A 822 -8.05 -15.03 -1.41
CA ARG A 822 -8.30 -15.78 -0.18
C ARG A 822 -9.25 -15.02 0.73
N SER A 823 -10.29 -15.71 1.19
CA SER A 823 -11.30 -15.09 2.05
C SER A 823 -10.73 -14.72 3.41
N PRO A 824 -11.05 -13.51 3.90
CA PRO A 824 -10.60 -13.04 5.21
C PRO A 824 -11.04 -13.95 6.35
N LYS A 825 -12.17 -14.63 6.15
CA LYS A 825 -12.69 -15.56 7.15
C LYS A 825 -12.36 -17.00 6.80
N GLU A 826 -11.19 -17.21 6.22
CA GLU A 826 -10.74 -18.55 5.86
C GLU A 826 -9.72 -19.06 6.87
N PRO A 827 -9.95 -20.27 7.41
CA PRO A 827 -9.09 -20.86 8.44
C PRO A 827 -7.78 -21.39 7.89
N LEU A 828 -6.85 -21.69 8.79
CA LEU A 828 -5.57 -22.29 8.41
C LEU A 828 -5.73 -23.79 8.18
N ILE A 829 -6.34 -24.46 9.16
CA ILE A 829 -6.60 -25.90 9.07
C ILE A 829 -8.09 -26.15 9.22
N SER A 830 -8.61 -27.14 8.49
CA SER A 830 -10.05 -27.43 8.54
C SER A 830 -10.40 -28.80 7.97
N GLY A 831 -11.24 -29.54 8.69
CA GLY A 831 -11.75 -30.81 8.23
C GLY A 831 -10.67 -31.85 7.94
N TRP A 832 -10.44 -32.10 6.65
CA TRP A 832 -9.44 -33.07 6.22
C TRP A 832 -8.03 -32.68 6.65
N LEU A 833 -7.73 -31.39 6.53
CA LEU A 833 -6.40 -30.88 6.89
C LEU A 833 -6.16 -31.03 8.38
N PHE A 834 -7.23 -30.97 9.16
CA PHE A 834 -7.15 -31.18 10.59
C PHE A 834 -6.80 -32.64 10.91
N PHE A 835 -7.52 -33.56 10.27
CA PHE A 835 -7.29 -34.99 10.48
C PHE A 835 -5.94 -35.44 9.94
N ARG A 836 -5.53 -34.86 8.82
CA ARG A 836 -4.27 -35.26 8.18
C ARG A 836 -3.07 -34.98 9.08
N TYR A 837 -3.00 -33.77 9.61
CA TYR A 837 -1.90 -33.41 10.50
C TYR A 837 -2.16 -33.87 11.92
N MET A 838 -3.36 -34.43 12.15
CA MET A 838 -3.70 -35.01 13.44
C MET A 838 -3.17 -36.44 13.51
N ALA A 839 -3.33 -37.16 12.41
CA ALA A 839 -2.84 -38.54 12.31
C ALA A 839 -1.33 -38.56 12.15
N ILE A 840 -0.80 -37.65 11.33
CA ILE A 840 0.64 -37.54 11.13
C ILE A 840 1.31 -37.12 12.44
N GLY A 841 0.63 -36.28 13.20
CA GLY A 841 1.15 -35.83 14.48
C GLY A 841 0.97 -36.88 15.56
N GLY A 842 -0.18 -37.55 15.54
CA GLY A 842 -0.49 -38.57 16.53
C GLY A 842 0.43 -39.78 16.43
N TYR A 843 1.01 -40.00 15.26
CA TYR A 843 1.90 -41.13 15.05
C TYR A 843 3.26 -40.89 15.70
N VAL A 844 3.74 -39.65 15.66
CA VAL A 844 5.05 -39.33 16.23
C VAL A 844 5.02 -39.49 17.74
N GLY A 845 3.83 -39.32 18.33
CA GLY A 845 3.66 -39.50 19.76
C GLY A 845 3.88 -40.95 20.15
N ALA A 846 3.42 -41.86 19.31
CA ALA A 846 3.62 -43.28 19.54
C ALA A 846 5.03 -43.69 19.13
N ALA A 847 5.61 -42.94 18.20
CA ALA A 847 6.96 -43.20 17.72
C ALA A 847 7.99 -42.84 18.78
N THR A 848 7.80 -41.69 19.43
CA THR A 848 8.71 -41.24 20.47
C THR A 848 8.54 -42.05 21.74
N VAL A 849 7.30 -42.20 22.19
CA VAL A 849 7.00 -42.98 23.38
C VAL A 849 7.33 -44.46 23.15
N GLY A 850 7.09 -44.93 21.94
CA GLY A 850 7.39 -46.30 21.58
C GLY A 850 8.88 -46.54 21.47
N ALA A 851 9.62 -45.53 21.03
CA ALA A 851 11.07 -45.63 20.91
C ALA A 851 11.71 -45.70 22.28
N ALA A 852 11.16 -44.96 23.24
CA ALA A 852 11.65 -44.98 24.61
C ALA A 852 11.25 -46.30 25.28
N ALA A 853 10.01 -46.71 25.06
CA ALA A 853 9.51 -47.96 25.63
C ALA A 853 10.22 -49.16 25.02
N TRP A 854 10.73 -48.99 23.80
CA TRP A 854 11.48 -50.05 23.13
C TRP A 854 12.77 -50.37 23.89
N TRP A 855 13.43 -49.32 24.37
CA TRP A 855 14.68 -49.48 25.10
C TRP A 855 14.44 -50.09 26.48
N PHE A 856 13.29 -49.78 27.07
CA PHE A 856 12.97 -50.29 28.41
C PHE A 856 12.51 -51.74 28.40
N MET A 857 11.81 -52.15 27.36
CA MET A 857 11.24 -53.49 27.30
C MET A 857 11.99 -54.43 26.37
N TYR A 858 11.79 -54.27 25.06
CA TYR A 858 12.38 -55.17 24.09
C TYR A 858 13.52 -54.51 23.31
N ALA A 859 14.66 -54.35 23.96
CA ALA A 859 15.82 -53.73 23.34
C ALA A 859 17.02 -54.67 23.32
N GLU A 860 18.09 -54.23 22.67
CA GLU A 860 19.31 -55.04 22.56
C GLU A 860 20.17 -54.94 23.82
N ASP A 861 20.67 -53.75 24.10
CA ASP A 861 21.54 -53.53 25.25
C ASP A 861 20.76 -53.05 26.48
N GLY A 862 19.44 -52.91 26.32
CA GLY A 862 18.59 -52.47 27.41
C GLY A 862 18.11 -53.61 28.27
N PRO A 863 17.84 -53.33 29.56
CA PRO A 863 17.35 -54.34 30.51
C PRO A 863 15.92 -54.76 30.22
N GLY A 864 15.70 -56.06 30.01
CA GLY A 864 14.38 -56.57 29.70
C GLY A 864 13.37 -56.36 30.81
N VAL A 865 12.55 -55.32 30.68
CA VAL A 865 11.52 -55.01 31.67
C VAL A 865 10.13 -55.22 31.10
N THR A 866 9.21 -55.67 31.94
CA THR A 866 7.83 -55.92 31.51
C THR A 866 7.01 -54.64 31.54
N TYR A 867 5.91 -54.63 30.80
CA TYR A 867 5.06 -53.46 30.67
C TYR A 867 4.34 -53.09 31.95
N HIS A 868 3.99 -54.10 32.75
CA HIS A 868 3.18 -53.86 33.95
C HIS A 868 4.00 -53.26 35.09
N GLN A 869 5.32 -53.49 35.08
CA GLN A 869 6.17 -52.94 36.12
C GLN A 869 6.92 -51.70 35.62
N LEU A 870 7.00 -51.56 34.30
CA LEU A 870 7.61 -50.38 33.71
C LEU A 870 6.72 -49.16 33.92
N THR A 871 5.43 -49.40 34.14
CA THR A 871 4.48 -48.33 34.36
C THR A 871 4.44 -47.91 35.83
N HIS A 872 5.09 -48.70 36.68
CA HIS A 872 5.15 -48.40 38.11
C HIS A 872 6.59 -48.17 38.55
N PHE A 873 7.35 -47.43 37.74
CA PHE A 873 8.77 -47.23 37.99
C PHE A 873 9.03 -46.31 39.19
N MET A 874 8.01 -45.54 39.57
CA MET A 874 8.16 -44.58 40.67
C MET A 874 8.30 -45.26 42.02
N GLN A 875 7.95 -46.54 42.07
CA GLN A 875 8.07 -47.32 43.31
C GLN A 875 9.33 -48.17 43.28
N CYS A 876 10.46 -47.54 42.92
CA CYS A 876 11.71 -48.25 42.69
C CYS A 876 12.22 -48.99 43.92
N THR A 877 12.61 -48.24 44.95
CA THR A 877 13.21 -48.82 46.14
C THR A 877 12.17 -49.42 47.09
N GLU A 878 10.91 -49.12 46.84
CA GLU A 878 9.82 -49.64 47.68
C GLU A 878 9.56 -51.11 47.38
N ASP A 879 9.14 -51.40 46.16
CA ASP A 879 8.89 -52.77 45.73
C ASP A 879 10.18 -53.42 45.25
N HIS A 880 11.01 -53.83 46.21
CA HIS A 880 12.32 -54.39 45.90
C HIS A 880 12.26 -55.76 45.22
N PRO A 881 11.33 -56.64 45.64
CA PRO A 881 11.25 -57.96 45.00
C PRO A 881 10.92 -57.89 43.52
N HIS A 882 9.97 -57.05 43.14
CA HIS A 882 9.60 -56.89 41.75
C HIS A 882 10.71 -56.19 40.96
N PHE A 883 11.31 -55.18 41.57
CA PHE A 883 12.39 -54.44 40.93
C PHE A 883 13.75 -55.02 41.31
N GLU A 884 14.17 -56.03 40.57
CA GLU A 884 15.44 -56.71 40.84
C GLU A 884 16.31 -56.78 39.58
N GLY A 885 17.00 -55.68 39.29
CA GLY A 885 17.85 -55.62 38.12
C GLY A 885 19.07 -54.74 38.32
N LEU A 886 18.89 -53.43 38.16
CA LEU A 886 19.98 -52.48 38.31
C LEU A 886 19.57 -51.29 39.17
N ASP A 887 20.40 -50.25 39.17
CA ASP A 887 20.15 -49.06 39.95
C ASP A 887 18.90 -48.35 39.47
N CYS A 888 18.30 -47.54 40.33
CA CYS A 888 17.09 -46.80 39.99
C CYS A 888 17.37 -45.75 38.91
N GLU A 889 18.65 -45.54 38.63
CA GLU A 889 19.07 -44.62 37.58
C GLU A 889 18.70 -45.19 36.20
N ILE A 890 18.34 -46.46 36.17
CA ILE A 890 18.00 -47.13 34.91
C ILE A 890 16.69 -46.58 34.34
N PHE A 891 15.75 -46.23 35.21
CA PHE A 891 14.50 -45.64 34.77
C PHE A 891 14.68 -44.17 34.40
N GLU A 892 15.70 -43.55 35.00
CA GLU A 892 16.04 -42.18 34.68
C GLU A 892 17.26 -42.13 33.78
N ALA A 893 17.35 -43.08 32.85
CA ALA A 893 18.49 -43.19 31.96
C ALA A 893 18.37 -42.25 30.76
N PRO A 894 19.50 -41.90 30.15
CA PRO A 894 19.56 -40.99 29.00
C PRO A 894 19.24 -41.67 27.68
N GLU A 895 19.47 -42.98 27.59
CA GLU A 895 19.24 -43.73 26.36
C GLU A 895 17.80 -43.64 25.85
N PRO A 896 16.82 -43.98 26.70
CA PRO A 896 15.41 -43.98 26.28
C PRO A 896 14.92 -42.61 25.83
N MET A 897 15.35 -41.54 26.50
CA MET A 897 14.96 -40.20 26.10
C MET A 897 15.65 -39.81 24.80
N THR A 898 16.84 -40.34 24.57
CA THR A 898 17.57 -40.08 23.34
C THR A 898 16.88 -40.77 22.17
N MET A 899 16.32 -41.96 22.43
CA MET A 899 15.58 -42.69 21.41
C MET A 899 14.32 -41.94 21.01
N ALA A 900 13.61 -41.39 22.00
CA ALA A 900 12.40 -40.63 21.75
C ALA A 900 12.71 -39.32 21.04
N LEU A 901 13.84 -38.71 21.42
CA LEU A 901 14.24 -37.43 20.84
C LEU A 901 14.81 -37.62 19.44
N SER A 902 15.62 -38.65 19.26
CA SER A 902 16.21 -38.95 17.97
C SER A 902 15.15 -39.29 16.94
N VAL A 903 14.11 -39.99 17.38
CA VAL A 903 12.99 -40.35 16.51
C VAL A 903 12.19 -39.11 16.12
N LEU A 904 12.08 -38.17 17.06
CA LEU A 904 11.36 -36.92 16.81
C LEU A 904 12.06 -36.08 15.75
N VAL A 905 13.39 -36.10 15.76
CA VAL A 905 14.17 -35.33 14.80
C VAL A 905 14.15 -35.99 13.43
N THR A 906 14.19 -37.31 13.41
CA THR A 906 14.22 -38.07 12.17
C THR A 906 12.91 -37.93 11.40
N ILE A 907 11.79 -38.01 12.12
CA ILE A 907 10.48 -37.92 11.49
C ILE A 907 10.16 -36.49 11.07
N GLU A 908 10.78 -35.51 11.75
CA GLU A 908 10.57 -34.11 11.43
C GLU A 908 11.28 -33.74 10.13
N MET A 909 12.45 -34.32 9.91
CA MET A 909 13.16 -34.11 8.66
C MET A 909 12.40 -34.75 7.51
N CYS A 910 11.74 -35.87 7.82
CA CYS A 910 10.92 -36.57 6.84
C CYS A 910 9.61 -35.82 6.61
N ASN A 911 9.04 -35.28 7.68
CA ASN A 911 7.81 -34.51 7.59
C ASN A 911 8.03 -33.20 6.85
N ALA A 912 9.26 -32.70 6.91
CA ALA A 912 9.62 -31.49 6.19
C ALA A 912 9.60 -31.75 4.69
N LEU A 913 9.98 -32.97 4.30
CA LEU A 913 9.94 -33.38 2.91
C LEU A 913 8.49 -33.60 2.48
N ASN A 914 7.65 -34.02 3.42
CA ASN A 914 6.23 -34.17 3.16
C ASN A 914 5.54 -32.83 3.04
N SER A 915 6.19 -31.79 3.58
CA SER A 915 5.63 -30.45 3.58
C SER A 915 6.17 -29.63 2.41
N LEU A 916 6.84 -30.29 1.47
CA LEU A 916 7.30 -29.63 0.25
C LEU A 916 6.11 -29.22 -0.60
N SER A 917 5.05 -30.03 -0.53
CA SER A 917 3.80 -29.73 -1.22
C SER A 917 2.62 -30.13 -0.35
N GLU A 918 1.44 -29.61 -0.67
CA GLU A 918 0.25 -29.89 0.11
C GLU A 918 -0.32 -31.28 -0.20
N ASN A 919 -0.40 -31.60 -1.48
CA ASN A 919 -0.96 -32.89 -1.90
C ASN A 919 -0.14 -33.58 -2.98
N GLN A 920 0.74 -32.83 -3.64
CA GLN A 920 1.59 -33.38 -4.68
C GLN A 920 2.56 -34.41 -4.12
N SER A 921 2.58 -35.60 -4.73
CA SER A 921 3.39 -36.69 -4.25
C SER A 921 4.88 -36.42 -4.39
N LEU A 922 5.69 -37.13 -3.62
CA LEU A 922 7.14 -37.03 -3.72
C LEU A 922 7.63 -37.65 -5.01
N MET A 923 6.80 -38.51 -5.60
CA MET A 923 7.10 -39.11 -6.90
C MET A 923 7.00 -38.04 -7.99
N ARG A 924 5.98 -37.19 -7.88
CA ARG A 924 5.78 -36.10 -8.81
C ARG A 924 6.87 -35.04 -8.62
N MET A 925 6.94 -34.47 -7.41
CA MET A 925 7.99 -33.52 -7.07
C MET A 925 9.00 -34.17 -6.13
N PRO A 926 10.22 -34.40 -6.63
CA PRO A 926 11.31 -34.99 -5.84
C PRO A 926 11.66 -34.13 -4.63
N PRO A 927 12.29 -34.73 -3.62
CA PRO A 927 12.70 -33.99 -2.42
C PRO A 927 13.89 -33.07 -2.68
N TRP A 928 14.45 -33.12 -3.89
CA TRP A 928 15.60 -32.28 -4.22
C TRP A 928 15.19 -31.03 -4.98
N VAL A 929 13.88 -30.82 -5.12
CA VAL A 929 13.38 -29.64 -5.82
C VAL A 929 13.82 -28.37 -5.12
N ASN A 930 13.48 -28.24 -3.85
CA ASN A 930 13.91 -27.10 -3.05
C ASN A 930 15.32 -27.34 -2.50
N ILE A 931 16.29 -26.61 -3.05
CA ILE A 931 17.69 -26.80 -2.67
C ILE A 931 17.97 -26.34 -1.25
N TRP A 932 17.30 -25.27 -0.83
CA TRP A 932 17.52 -24.70 0.49
C TRP A 932 17.01 -25.62 1.60
N LEU A 933 16.01 -26.44 1.28
CA LEU A 933 15.46 -27.37 2.26
C LEU A 933 16.45 -28.47 2.57
N LEU A 934 17.12 -28.98 1.55
CA LEU A 934 18.12 -30.03 1.72
C LEU A 934 19.29 -29.52 2.56
N GLY A 935 19.72 -28.30 2.29
CA GLY A 935 20.82 -27.70 3.02
C GLY A 935 20.48 -27.48 4.48
N SER A 936 19.22 -27.15 4.74
CA SER A 936 18.75 -26.93 6.11
C SER A 936 18.64 -28.26 6.86
N ILE A 937 18.22 -29.29 6.14
CA ILE A 937 18.09 -30.63 6.72
C ILE A 937 19.46 -31.21 7.05
N CYS A 938 20.43 -30.97 6.16
CA CYS A 938 21.79 -31.42 6.39
C CYS A 938 22.39 -30.71 7.60
N LEU A 939 22.03 -29.43 7.75
CA LEU A 939 22.49 -28.65 8.90
C LEU A 939 21.74 -29.04 10.16
N SER A 940 20.46 -29.37 10.00
CA SER A 940 19.62 -29.78 11.12
C SER A 940 20.12 -31.09 11.73
N MET A 941 20.38 -32.07 10.88
CA MET A 941 20.90 -33.35 11.34
C MET A 941 22.34 -33.22 11.82
N SER A 942 23.05 -32.26 11.26
CA SER A 942 24.43 -31.99 11.68
C SER A 942 24.47 -31.46 13.10
N LEU A 943 23.49 -30.63 13.44
CA LEU A 943 23.38 -30.07 14.78
C LEU A 943 22.87 -31.12 15.76
N HIS A 944 22.09 -32.06 15.26
CA HIS A 944 21.55 -33.14 16.08
C HIS A 944 22.67 -34.06 16.56
N PHE A 945 23.68 -34.25 15.70
CA PHE A 945 24.85 -35.04 16.06
C PHE A 945 25.75 -34.28 17.01
N LEU A 946 25.79 -32.96 16.88
CA LEU A 946 26.69 -32.12 17.66
C LEU A 946 26.29 -32.06 19.12
N ILE A 947 24.99 -32.04 19.39
CA ILE A 947 24.50 -31.99 20.76
C ILE A 947 24.64 -33.34 21.45
N LEU A 948 25.12 -34.33 20.71
CA LEU A 948 25.27 -35.68 21.24
C LEU A 948 26.74 -36.04 21.42
N TYR A 949 27.59 -35.50 20.56
CA TYR A 949 29.02 -35.82 20.58
C TYR A 949 29.82 -34.84 21.42
N VAL A 950 29.76 -33.56 21.09
CA VAL A 950 30.50 -32.53 21.80
C VAL A 950 30.06 -32.46 23.27
N ASP A 951 30.87 -33.07 24.14
CA ASP A 951 30.56 -33.26 25.55
C ASP A 951 29.79 -32.13 26.26
N PRO A 952 30.18 -30.87 26.01
CA PRO A 952 29.50 -29.75 26.67
C PRO A 952 27.99 -29.68 26.43
N LEU A 953 27.47 -30.49 25.52
CA LEU A 953 26.06 -30.43 25.14
C LEU A 953 25.20 -31.57 25.68
N PRO A 954 25.59 -32.82 25.41
CA PRO A 954 24.75 -33.97 25.77
C PRO A 954 24.44 -34.06 27.26
N MET A 955 25.30 -33.47 28.10
CA MET A 955 25.07 -33.49 29.54
C MET A 955 23.95 -32.50 29.90
N ILE A 956 23.72 -31.54 29.02
CA ILE A 956 22.71 -30.51 29.25
C ILE A 956 21.32 -30.97 28.84
N PHE A 957 21.23 -31.65 27.70
CA PHE A 957 19.95 -32.12 27.20
C PHE A 957 19.57 -33.49 27.77
N LYS A 958 20.43 -34.02 28.63
CA LYS A 958 20.23 -35.35 29.21
C LYS A 958 20.15 -36.40 28.11
N LEU A 959 21.15 -36.41 27.24
CA LEU A 959 21.20 -37.36 26.12
C LEU A 959 22.57 -38.01 26.01
N LYS A 960 22.61 -39.23 25.45
CA LYS A 960 23.86 -39.91 25.20
C LYS A 960 23.98 -40.33 23.73
N ALA A 961 25.19 -40.63 23.30
CA ALA A 961 25.45 -40.98 21.91
C ALA A 961 24.80 -42.31 21.54
N LEU A 962 24.42 -42.45 20.28
CA LEU A 962 23.81 -43.68 19.79
C LEU A 962 24.66 -44.31 18.69
N ASP A 963 24.86 -45.62 18.78
CA ASP A 963 25.60 -46.35 17.77
C ASP A 963 24.64 -46.84 16.68
N LEU A 964 25.15 -47.59 15.72
CA LEU A 964 24.33 -48.09 14.63
C LEU A 964 23.26 -49.06 15.11
N THR A 965 23.56 -49.77 16.21
CA THR A 965 22.63 -50.73 16.77
C THR A 965 21.33 -50.05 17.21
N GLN A 966 21.45 -48.81 17.67
CA GLN A 966 20.31 -48.06 18.16
C GLN A 966 19.73 -47.14 17.08
N TRP A 967 20.60 -46.67 16.19
CA TRP A 967 20.18 -45.75 15.14
C TRP A 967 19.39 -46.45 14.04
N LEU A 968 19.66 -47.73 13.85
CA LEU A 968 18.92 -48.51 12.85
C LEU A 968 17.44 -48.61 13.23
N MET A 969 17.17 -48.71 14.53
CA MET A 969 15.80 -48.79 15.02
C MET A 969 15.08 -47.46 14.86
N VAL A 970 15.84 -46.38 14.86
CA VAL A 970 15.28 -45.03 14.72
C VAL A 970 14.70 -44.82 13.32
N LEU A 971 15.41 -45.31 12.31
CA LEU A 971 14.97 -45.16 10.94
C LEU A 971 13.77 -46.05 10.65
N LYS A 972 13.73 -47.20 11.31
CA LYS A 972 12.64 -48.16 11.13
C LYS A 972 11.32 -47.60 11.64
N ILE A 973 11.39 -46.79 12.70
CA ILE A 973 10.20 -46.25 13.33
C ILE A 973 9.84 -44.87 12.77
N SER A 974 10.82 -44.18 12.23
CA SER A 974 10.64 -42.81 11.75
C SER A 974 10.20 -42.74 10.29
N LEU A 975 10.94 -43.43 9.42
CA LEU A 975 10.70 -43.38 7.97
C LEU A 975 9.28 -43.72 7.52
N PRO A 976 8.57 -44.61 8.24
CA PRO A 976 7.19 -44.92 7.88
C PRO A 976 6.26 -43.70 7.83
N VAL A 977 6.72 -42.57 8.35
CA VAL A 977 5.93 -41.34 8.33
C VAL A 977 5.72 -40.86 6.90
N ILE A 978 6.71 -41.10 6.05
CA ILE A 978 6.63 -40.70 4.64
C ILE A 978 5.59 -41.55 3.90
N GLY A 979 5.59 -42.85 4.16
CA GLY A 979 4.63 -43.75 3.57
C GLY A 979 3.21 -43.43 4.00
N LEU A 980 3.07 -43.03 5.26
CA LEU A 980 1.77 -42.65 5.80
C LEU A 980 1.25 -41.38 5.12
N ASP A 981 2.12 -40.38 5.04
CA ASP A 981 1.77 -39.12 4.38
C ASP A 981 1.49 -39.33 2.90
N GLU A 982 2.21 -40.27 2.30
CA GLU A 982 2.02 -40.58 0.89
C GLU A 982 0.64 -41.19 0.67
N ILE A 983 0.18 -41.97 1.64
CA ILE A 983 -1.16 -42.55 1.60
C ILE A 983 -2.22 -41.48 1.78
N LEU A 984 -1.98 -40.57 2.71
CA LEU A 984 -2.91 -39.48 3.00
C LEU A 984 -3.06 -38.55 1.80
N LYS A 985 -1.93 -38.14 1.23
CA LYS A 985 -1.95 -37.26 0.06
C LYS A 985 -2.64 -37.93 -1.11
N PHE A 986 -2.52 -39.26 -1.20
CA PHE A 986 -3.13 -40.01 -2.28
C PHE A 986 -4.65 -40.03 -2.14
N ILE A 987 -5.12 -40.06 -0.89
CA ILE A 987 -6.55 -40.05 -0.62
C ILE A 987 -7.17 -38.70 -0.96
N ALA A 988 -6.38 -37.65 -0.79
CA ALA A 988 -6.84 -36.29 -1.04
C ALA A 988 -7.08 -36.03 -2.52
N ARG A 989 -6.16 -36.50 -3.35
CA ARG A 989 -6.25 -36.25 -4.80
C ARG A 989 -7.26 -37.16 -5.48
N ASN A 990 -7.58 -38.28 -4.84
CA ASN A 990 -8.51 -39.25 -5.43
C ASN A 990 -9.91 -39.19 -4.86
N TYR A 991 -10.04 -39.54 -3.58
CA TYR A 991 -11.36 -39.63 -2.95
C TYR A 991 -11.76 -38.34 -2.23
N LEU A 992 -11.27 -37.20 -2.71
CA LEU A 992 -11.64 -35.92 -2.12
C LEU A 992 -11.67 -34.80 -3.17
N GLU A 993 -10.65 -34.77 -4.02
CA GLU A 993 -10.58 -33.76 -5.08
C GLU A 993 -11.70 -33.97 -6.10
N GLY A 994 -12.78 -33.21 -5.95
CA GLY A 994 -13.90 -33.30 -6.86
C GLY A 994 -14.71 -32.00 -6.91
NA NA B . -3.43 1.95 5.71
S SO4 C . -6.19 13.62 -14.40
O1 SO4 C . -6.55 12.44 -15.18
O2 SO4 C . -7.01 14.75 -14.81
O3 SO4 C . -6.42 13.34 -12.98
O4 SO4 C . -4.78 13.94 -14.61
S SO4 D . -15.03 18.15 -20.61
O1 SO4 D . -14.89 18.75 -21.94
O2 SO4 D . -15.50 19.16 -19.67
O3 SO4 D . -15.99 17.06 -20.68
O4 SO4 D . -13.74 17.64 -20.16
C7 7BL E . 1.46 -13.01 11.08
C6 7BL E . 2.38 -11.90 10.65
C5 7BL E . 3.01 -11.17 11.59
C2 7BL E . 4.25 -10.37 11.31
C1 7BL E . 5.53 -10.44 12.13
C3 7BL E . 6.61 -9.56 11.52
C4 7BL E . 5.78 -11.05 13.31
C8 7BL E . 4.88 -11.84 14.24
C9 7BL E . 4.62 -13.29 13.76
C10 7BL E . 3.55 -14.00 14.55
C11 7BL E . 3.67 -15.24 15.03
C12 7BL E . 2.55 -15.94 15.71
C13 7BL E . 2.61 -17.20 16.16
C14 7BL E . 1.47 -17.89 16.86
C15 7BL E . 1.93 -18.72 18.08
C16 7BL E . 2.51 -17.78 19.11
C17 7BL E . 3.70 -17.78 19.74
C18 7BL E . 4.82 -18.79 19.50
C20 7BL E . 4.01 -16.73 20.80
C21 7BL E . 4.88 -15.61 20.22
C22 7BL E . 4.23 -14.47 19.52
C23 7BL E . 5.06 -13.59 18.98
C24 7BL E . 4.58 -12.35 18.27
C27 7BL E . 5.78 -11.53 17.74
C26 7BL E . 5.42 -11.05 16.37
O25 7BL E . 5.55 -12.05 15.49
O28 7BL E . 5.20 -9.89 16.09
O29 7BL E . 3.72 -11.63 19.19
O67 7BL E . 4.88 -17.26 21.81
C68 7BL E . 4.19 -18.05 22.78
C19 7BL E . 0.76 -19.50 18.72
H18 7BL E . 1.03 -13.49 10.19
H19 7BL E . 0.64 -12.58 11.69
H20 7BL E . 2.02 -13.75 11.67
H17 7BL E . 2.74 -11.89 9.63
H16 7BL E . 2.66 -11.24 12.62
H15 7BL E . 3.94 -9.32 11.35
H14 7BL E . 4.54 -10.61 10.29
H22 7BL E . 6.24 -8.52 11.45
H23 7BL E . 6.85 -9.93 10.51
H21 7BL E . 7.51 -9.60 12.15
H13 7BL E . 6.79 -10.92 13.68
H12 7BL E . 3.94 -11.30 14.38
H25 7BL E . 4.31 -13.25 12.70
H24 7BL E . 5.56 -13.86 13.85
H26 7BL E . 2.60 -13.49 14.70
H27 7BL E . 4.61 -15.77 14.90
H28 7BL E . 1.63 -15.38 15.89
H29 7BL E . 3.55 -17.74 16.04
H31 7BL E . 0.75 -17.14 17.20
H30 7BL E . 0.98 -18.57 16.14
H32 7BL E . 2.71 -19.44 17.76
H33 7BL E . 1.85 -16.97 19.41
H1 7BL E . 4.51 -19.51 18.73
H3 7BL E . 5.73 -18.26 19.16
H2 7BL E . 5.04 -19.32 20.43
H4 7BL E . 3.08 -16.33 21.23
H5 7BL E . 5.56 -16.08 19.48
H6 7BL E . 5.48 -15.19 21.04
H7 7BL E . 3.15 -14.38 19.43
H8 7BL E . 6.13 -13.75 19.06
H9 7BL E . 3.98 -12.67 17.40
H11 7BL E . 5.96 -10.66 18.40
H10 7BL E . 6.69 -12.15 17.70
H37 7BL E . 4.25 -11.09 19.76
H52 7BL E . 3.43 -17.44 23.29
H51 7BL E . 3.70 -18.91 22.27
H50 7BL E . 4.90 -18.44 23.52
H36 7BL E . -0.02 -18.80 19.04
H35 7BL E . 0.34 -20.19 17.97
H34 7BL E . 1.12 -20.08 19.58
C1 PTY F . 2.13 -42.59 -4.83
C2 PTY F . -4.06 -41.57 -10.34
C3 PTY F . -3.69 -40.62 -9.13
O4 PTY F . 1.63 -43.92 -4.41
C5 PTY F . 0.46 -41.83 -6.67
C6 PTY F . 1.95 -42.21 -6.37
O7 PTY F . 2.41 -43.30 -7.26
C8 PTY F . 3.35 -43.00 -8.18
O10 PTY F . 3.12 -42.26 -9.13
C11 PTY F . 4.58 -43.86 -8.15
C30 PTY F . 1.34 -44.07 -3.09
C31 PTY F . 2.42 -44.75 -2.23
O30 PTY F . 0.33 -43.71 -2.59
P1 PTY F . -1.00 -40.77 -8.73
O11 PTY F . -2.51 -41.12 -8.39
O12 PTY F . -0.78 -39.28 -8.25
O13 PTY F . -0.79 -40.78 -10.32
O14 PTY F . 0.13 -41.71 -8.06
N1 PTY F . -5.05 -42.63 -10.07
C1 PTY G . -9.41 -43.62 34.19
C2 PTY G . -1.85 -44.40 35.91
C3 PTY G . -2.86 -45.46 36.47
O4 PTY G . -10.73 -43.60 33.52
C5 PTY G . -7.42 -44.97 35.19
C6 PTY G . -8.81 -45.07 34.48
O7 PTY G . -8.68 -45.86 33.24
C8 PTY G . -9.76 -46.58 32.89
O10 PTY G . -10.32 -47.31 33.68
C11 PTY G . -10.06 -46.66 31.43
C30 PTY G . -11.07 -42.47 32.87
C31 PTY G . -10.59 -41.17 33.50
O30 PTY G . -11.71 -42.44 31.86
P1 PTY G . -5.32 -46.52 35.94
O11 PTY G . -4.06 -45.60 35.61
O12 PTY G . -4.93 -48.07 35.69
O13 PTY G . -5.57 -46.38 37.50
O14 PTY G . -6.67 -46.19 35.15
N1 PTY G . -2.44 -43.06 35.59
#